data_8ID1
#
_entry.id   8ID1
#
_cell.length_a   142.747
_cell.length_b   142.747
_cell.length_c   101.032
_cell.angle_alpha   90.00
_cell.angle_beta   90.00
_cell.angle_gamma   90.00
#
_symmetry.space_group_name_H-M   'P 42 21 2'
#
loop_
_entity.id
_entity.type
_entity.pdbx_description
1 polymer 'Formate C-acetyltransferase'
2 non-polymer '(2S,4S)-1-methyl-4-oxidanyl-pyrrolidine-2-carboxylic acid'
#
_entity_poly.entity_id   1
_entity_poly.type   'polypeptide(L)'
_entity_poly.pdbx_seq_one_letter_code
;MEKKQYLDRIKRLKERVLNTRPEMDLENAVLLTRGFKESEGQPLAIQKAYSFRKQCTEKTVKIWDDELIVGNSGSKQRGG
LLNPDTCWSVLEDEIDTISERKYDPFYLTDIDRKRFNEEIKPYWKGRSTFEKWLVQIPKETKILRDCGVLYINRKAVRGW
GETTAGYEMVINEGIEGIKRRIEETKNNLDITKSGHYEKLAYLKALSLVAEGIIILSKRYAKEAKRLAQLETDSKRKKEL
EIIAKTCDRVPEKPARTFREALQSLYFYQICIFMEQNAASYNPGRMDQYLYPYYKSDIESGRITKDEAQELLDCLWVKFS
EPCLFQDEVTAQFSAGYPMFQNVCVGGIDERGMDAVNDLSFMILQATMDVQLYQPSLSVRYNMSRNSNAFLKKVAEVMKL
GTGFPAFHSDEVGIQMMLNKGIPMREAYNWNPCGCVETNLAGKQRCYTSYADYNLGAIVEFVMNNGKSRKYNTQASIATG
DPCTFETYNEFLGAVKNQIRYVIRAMVAGSHVNDDIGFERICPALSLSFKECISSAKDYAWGGAKYNIGNGLDAIGVADL
VNSVYAVKYLVYDKKLISMEKLVKAISNDFEGYEEIQKMCLDVPKYGNDDEEVNELTADLFTFIADLIESFSGKFGHMTA
GILPVSGNTPFGLEVGALPSGRNAFVPLADGVSPTAGTDIEGMGAIIKSVSHIPHIRFNQGTLLNLKLDPVFNQNANSTE
SLMAFLKSMCSLGVFHVQFNVIDKEVLLDAQKHPENYKGLLIRVAGYTAYFVELGKEVQDDIIARTAHANAC
;
_entity_poly.pdbx_strand_id   A
#
loop_
_chem_comp.id
_chem_comp.type
_chem_comp.name
_chem_comp.formula
6IW non-polymer '(2S,4S)-1-methyl-4-oxidanyl-pyrrolidine-2-carboxylic acid' 'C6 H11 N O3'
#
# COMPACT_ATOMS: atom_id res chain seq x y z
N LEU A 7 -15.66 -0.20 29.00
CA LEU A 7 -15.44 -1.56 29.50
C LEU A 7 -16.43 -2.61 28.91
N ASP A 8 -17.73 -2.29 28.80
CA ASP A 8 -18.70 -3.35 28.49
C ASP A 8 -18.69 -3.81 27.03
N ARG A 9 -18.20 -2.98 26.08
CA ARG A 9 -17.95 -3.45 24.71
C ARG A 9 -17.07 -4.70 24.70
N ILE A 10 -17.76 -5.81 24.82
CA ILE A 10 -17.21 -7.13 24.93
C ILE A 10 -17.55 -7.96 23.75
N LYS A 11 -17.67 -7.28 22.64
CA LYS A 11 -17.93 -7.83 21.34
C LYS A 11 -16.67 -8.38 20.65
N ARG A 12 -15.57 -8.54 21.35
CA ARG A 12 -14.46 -9.27 20.77
C ARG A 12 -14.88 -10.67 20.32
N LEU A 13 -16.17 -10.83 20.29
CA LEU A 13 -16.71 -12.03 19.83
C LEU A 13 -16.42 -12.13 18.33
N LYS A 14 -15.49 -11.31 17.82
CA LYS A 14 -14.97 -11.24 16.47
C LYS A 14 -13.58 -11.83 16.53
N GLU A 15 -13.60 -13.05 17.02
CA GLU A 15 -12.50 -13.87 17.11
C GLU A 15 -13.04 -14.67 16.04
N ARG A 16 -14.27 -14.41 15.61
CA ARG A 16 -14.71 -15.09 14.39
C ARG A 16 -13.67 -14.93 13.30
N VAL A 17 -13.07 -13.74 13.21
CA VAL A 17 -12.13 -13.42 12.14
C VAL A 17 -10.80 -14.14 12.28
N LEU A 18 -10.39 -14.49 13.50
CA LEU A 18 -9.11 -15.15 13.67
C LEU A 18 -9.19 -16.65 13.45
N ASN A 19 -10.35 -17.21 13.65
CA ASN A 19 -10.52 -18.60 13.42
C ASN A 19 -11.12 -18.77 12.05
N THR A 20 -10.69 -18.00 11.08
CA THR A 20 -11.26 -18.11 9.76
C THR A 20 -10.20 -18.41 8.80
N ARG A 21 -10.52 -19.12 7.76
CA ARG A 21 -9.50 -19.48 6.82
C ARG A 21 -9.61 -18.88 5.49
N PRO A 22 -8.48 -18.50 4.96
CA PRO A 22 -8.51 -17.90 3.61
C PRO A 22 -8.96 -18.87 2.53
N GLU A 23 -10.06 -18.60 1.86
CA GLU A 23 -10.39 -19.41 0.70
C GLU A 23 -10.89 -18.54 -0.44
N MET A 24 -10.50 -18.93 -1.66
CA MET A 24 -10.93 -18.23 -2.85
C MET A 24 -12.43 -18.01 -2.78
N ASP A 25 -12.88 -16.90 -3.37
CA ASP A 25 -14.31 -16.61 -3.49
C ASP A 25 -14.60 -16.30 -4.95
N LEU A 26 -14.86 -17.36 -5.73
CA LEU A 26 -15.16 -17.21 -7.15
C LEU A 26 -16.64 -16.93 -7.40
N GLU A 27 -17.36 -16.42 -6.41
CA GLU A 27 -18.73 -16.02 -6.68
C GLU A 27 -18.72 -14.83 -7.60
N ASN A 28 -18.33 -13.65 -7.11
CA ASN A 28 -18.36 -12.45 -7.93
C ASN A 28 -17.81 -12.71 -9.32
N ALA A 29 -16.75 -13.52 -9.43
CA ALA A 29 -16.19 -13.85 -10.74
C ALA A 29 -17.25 -14.48 -11.66
N VAL A 30 -18.26 -15.13 -11.10
CA VAL A 30 -19.25 -15.75 -11.97
C VAL A 30 -20.30 -14.75 -12.43
N LEU A 31 -20.90 -14.03 -11.50
CA LEU A 31 -21.72 -12.88 -11.86
C LEU A 31 -21.08 -12.06 -12.99
N LEU A 32 -19.88 -11.53 -12.76
CA LEU A 32 -19.22 -10.71 -13.78
C LEU A 32 -19.20 -11.45 -15.12
N THR A 33 -18.85 -12.74 -15.10
CA THR A 33 -18.86 -13.51 -16.35
C THR A 33 -20.22 -13.43 -17.02
N ARG A 34 -21.29 -13.54 -16.24
CA ARG A 34 -22.63 -13.52 -16.82
C ARG A 34 -23.01 -12.13 -17.29
N GLY A 35 -22.71 -11.12 -16.48
CA GLY A 35 -22.92 -9.74 -16.93
C GLY A 35 -22.25 -9.45 -18.25
N PHE A 36 -20.99 -9.87 -18.41
CA PHE A 36 -20.31 -9.58 -19.67
C PHE A 36 -21.03 -10.25 -20.83
N LYS A 37 -21.43 -11.51 -20.67
CA LYS A 37 -21.98 -12.26 -21.81
C LYS A 37 -23.28 -11.63 -22.29
N GLU A 38 -24.09 -11.12 -21.38
CA GLU A 38 -25.37 -10.60 -21.82
C GLU A 38 -25.27 -9.16 -22.29
N SER A 39 -24.26 -8.42 -21.87
CA SER A 39 -24.03 -7.08 -22.40
C SER A 39 -22.84 -7.03 -23.35
N GLU A 40 -22.65 -8.07 -24.16
CA GLU A 40 -21.66 -7.97 -25.22
C GLU A 40 -22.16 -7.00 -26.28
N GLY A 41 -21.22 -6.44 -27.05
CA GLY A 41 -21.53 -5.40 -28.00
C GLY A 41 -21.66 -4.02 -27.38
N GLN A 42 -21.88 -3.93 -26.07
CA GLN A 42 -21.86 -2.66 -25.37
C GLN A 42 -20.47 -2.06 -25.37
N PRO A 43 -20.38 -0.75 -25.13
CA PRO A 43 -19.08 -0.13 -24.87
C PRO A 43 -18.51 -0.57 -23.53
N LEU A 44 -17.25 -0.98 -23.54
CA LEU A 44 -16.70 -1.71 -22.40
C LEU A 44 -17.03 -1.08 -21.05
N ALA A 45 -17.02 0.25 -20.91
CA ALA A 45 -17.40 0.82 -19.62
C ALA A 45 -18.86 0.50 -19.31
N ILE A 46 -19.70 0.34 -20.32
CA ILE A 46 -21.10 0.07 -20.02
C ILE A 46 -21.32 -1.40 -19.69
N GLN A 47 -20.55 -2.30 -20.32
CA GLN A 47 -20.73 -3.71 -20.03
C GLN A 47 -19.95 -4.12 -18.79
N LYS A 48 -18.99 -3.29 -18.38
CA LYS A 48 -18.36 -3.46 -17.08
C LYS A 48 -19.30 -2.99 -15.97
N ALA A 49 -19.86 -1.81 -16.13
CA ALA A 49 -20.73 -1.22 -15.11
C ALA A 49 -22.12 -1.85 -15.08
N TYR A 50 -22.55 -2.51 -16.17
CA TYR A 50 -23.85 -3.18 -16.18
C TYR A 50 -23.82 -4.48 -15.40
N SER A 51 -22.67 -5.15 -15.39
CA SER A 51 -22.46 -6.38 -14.64
C SER A 51 -21.96 -6.11 -13.23
N PHE A 52 -21.63 -4.86 -12.92
CA PHE A 52 -21.45 -4.48 -11.52
C PHE A 52 -22.80 -4.38 -10.82
N ARG A 53 -23.79 -3.75 -11.47
CA ARG A 53 -25.15 -3.78 -10.95
C ARG A 53 -25.61 -5.22 -10.79
N LYS A 54 -25.30 -6.08 -11.77
CA LYS A 54 -25.67 -7.48 -11.65
C LYS A 54 -25.07 -8.09 -10.39
N GLN A 55 -23.79 -7.80 -10.13
CA GLN A 55 -23.11 -8.31 -8.96
C GLN A 55 -23.88 -7.98 -7.68
N CYS A 56 -24.06 -6.69 -7.40
CA CYS A 56 -24.72 -6.36 -6.14
C CYS A 56 -26.22 -6.61 -6.15
N THR A 57 -26.82 -6.89 -7.31
CA THR A 57 -28.22 -7.31 -7.36
C THR A 57 -28.38 -8.79 -7.04
N GLU A 58 -27.48 -9.64 -7.55
CA GLU A 58 -27.49 -11.08 -7.32
C GLU A 58 -26.27 -11.57 -6.55
N LYS A 59 -25.94 -10.94 -5.42
CA LYS A 59 -24.76 -11.31 -4.67
C LYS A 59 -25.18 -11.81 -3.30
N THR A 60 -24.35 -12.62 -2.66
CA THR A 60 -24.66 -12.99 -1.30
C THR A 60 -24.89 -11.73 -0.48
N VAL A 61 -25.73 -11.83 0.55
CA VAL A 61 -25.91 -10.72 1.47
C VAL A 61 -25.90 -11.30 2.88
N LYS A 62 -24.93 -10.95 3.68
CA LYS A 62 -24.82 -11.58 4.94
C LYS A 62 -24.43 -10.68 6.06
N ILE A 63 -25.10 -10.77 7.20
CA ILE A 63 -24.82 -10.03 8.37
C ILE A 63 -24.43 -11.02 9.43
N TRP A 64 -23.29 -10.89 10.06
CA TRP A 64 -22.82 -11.82 11.04
C TRP A 64 -23.21 -11.55 12.45
N ASP A 65 -23.44 -12.60 13.16
CA ASP A 65 -23.95 -12.59 14.48
C ASP A 65 -23.84 -11.52 15.50
N ASP A 66 -22.93 -10.60 15.43
CA ASP A 66 -22.86 -9.52 16.43
C ASP A 66 -22.65 -8.14 15.83
N GLU A 67 -22.75 -7.99 14.51
CA GLU A 67 -22.33 -6.77 13.85
C GLU A 67 -23.26 -5.60 14.16
N LEU A 68 -22.65 -4.42 14.25
CA LEU A 68 -23.37 -3.15 14.20
C LEU A 68 -23.14 -2.41 12.89
N ILE A 69 -22.05 -2.73 12.19
CA ILE A 69 -21.81 -2.26 10.84
C ILE A 69 -21.50 -3.44 9.95
N VAL A 70 -22.00 -3.36 8.72
CA VAL A 70 -22.33 -4.51 7.90
C VAL A 70 -21.69 -4.34 6.52
N GLY A 71 -21.78 -5.39 5.72
CA GLY A 71 -21.24 -5.41 4.38
C GLY A 71 -19.99 -6.27 4.28
N ASN A 72 -19.62 -6.55 3.04
CA ASN A 72 -18.43 -7.31 2.70
C ASN A 72 -18.36 -7.48 1.19
N SER A 73 -17.21 -7.16 0.58
CA SER A 73 -17.05 -7.17 -0.87
C SER A 73 -17.31 -8.52 -1.52
N GLY A 74 -17.51 -9.59 -0.75
CA GLY A 74 -17.60 -10.91 -1.36
C GLY A 74 -18.80 -11.80 -1.04
N SER A 75 -18.51 -12.91 -0.35
CA SER A 75 -19.48 -13.91 0.07
C SER A 75 -18.95 -14.57 1.34
N LYS A 76 -17.64 -14.55 1.50
CA LYS A 76 -16.92 -15.13 2.62
C LYS A 76 -16.17 -14.05 3.39
N GLN A 77 -15.90 -14.32 4.65
CA GLN A 77 -14.86 -13.57 5.34
C GLN A 77 -13.49 -14.08 4.92
N ARG A 78 -12.49 -13.23 5.08
CA ARG A 78 -11.13 -13.58 4.66
C ARG A 78 -11.16 -14.39 3.38
N GLY A 79 -11.81 -13.82 2.37
CA GLY A 79 -11.92 -14.45 1.09
C GLY A 79 -10.95 -13.81 0.12
N GLY A 80 -10.57 -14.57 -0.90
CA GLY A 80 -9.71 -14.08 -1.95
C GLY A 80 -10.52 -13.79 -3.21
N LEU A 81 -10.59 -12.52 -3.57
CA LEU A 81 -11.48 -12.09 -4.65
C LEU A 81 -10.79 -12.23 -6.00
N LEU A 82 -11.33 -13.11 -6.85
CA LEU A 82 -10.90 -13.17 -8.23
C LEU A 82 -11.65 -12.14 -9.04
N ASN A 83 -10.93 -11.29 -9.77
CA ASN A 83 -11.50 -10.49 -10.84
C ASN A 83 -11.00 -11.10 -12.14
N PRO A 84 -11.83 -11.87 -12.86
CA PRO A 84 -11.30 -12.54 -14.06
C PRO A 84 -11.04 -11.59 -15.22
N ASP A 85 -11.59 -10.36 -15.22
CA ASP A 85 -11.27 -9.43 -16.30
C ASP A 85 -9.82 -8.98 -16.25
N THR A 86 -9.22 -8.84 -15.06
CA THR A 86 -7.82 -8.45 -14.97
C THR A 86 -6.91 -9.67 -14.83
N CYS A 87 -7.05 -10.49 -13.78
CA CYS A 87 -6.05 -11.55 -13.63
C CYS A 87 -6.57 -12.99 -13.57
N TRP A 88 -7.49 -13.36 -14.46
CA TRP A 88 -8.07 -14.70 -14.44
C TRP A 88 -6.98 -15.78 -14.32
N SER A 89 -6.03 -15.78 -15.26
CA SER A 89 -5.05 -16.85 -15.42
C SER A 89 -4.16 -17.06 -14.21
N VAL A 90 -4.13 -16.13 -13.26
CA VAL A 90 -3.34 -16.36 -12.06
C VAL A 90 -3.76 -17.67 -11.41
N LEU A 91 -5.07 -17.93 -11.37
CA LEU A 91 -5.55 -19.12 -10.67
C LEU A 91 -5.39 -20.37 -11.52
N GLU A 92 -5.75 -20.32 -12.81
CA GLU A 92 -5.52 -21.44 -13.70
C GLU A 92 -4.10 -21.97 -13.62
N ASP A 93 -3.16 -21.12 -13.19
CA ASP A 93 -1.76 -21.54 -13.04
C ASP A 93 -1.56 -22.37 -11.77
N GLU A 94 -2.05 -21.87 -10.64
CA GLU A 94 -1.82 -22.49 -9.35
C GLU A 94 -3.05 -23.24 -8.84
N ILE A 95 -3.84 -23.80 -9.78
CA ILE A 95 -5.17 -24.30 -9.45
C ILE A 95 -5.14 -25.38 -8.40
N ASP A 96 -3.98 -26.00 -8.20
CA ASP A 96 -3.84 -27.15 -7.32
C ASP A 96 -2.57 -27.03 -6.50
N THR A 97 -2.15 -25.80 -6.22
CA THR A 97 -1.07 -25.55 -5.28
C THR A 97 -1.54 -24.44 -4.34
N ILE A 98 -2.04 -23.35 -4.91
CA ILE A 98 -2.50 -22.17 -4.16
C ILE A 98 -3.00 -22.55 -2.78
N SER A 99 -3.68 -23.70 -2.71
CA SER A 99 -4.21 -24.23 -1.45
C SER A 99 -3.10 -24.49 -0.43
N GLU A 100 -1.95 -25.01 -0.86
CA GLU A 100 -0.84 -25.38 0.00
C GLU A 100 0.43 -24.55 -0.21
N ARG A 101 0.40 -23.49 -1.02
CA ARG A 101 1.62 -22.72 -1.25
C ARG A 101 2.11 -22.09 0.05
N LYS A 102 3.40 -21.73 0.06
CA LYS A 102 4.06 -21.30 1.29
C LYS A 102 3.62 -19.90 1.69
N TYR A 103 3.60 -18.97 0.75
CA TYR A 103 3.32 -17.57 1.04
C TYR A 103 1.87 -17.24 0.70
N ASP A 104 1.12 -16.72 1.69
CA ASP A 104 -0.21 -16.17 1.43
C ASP A 104 -1.20 -17.16 0.82
N PRO A 105 -1.42 -18.34 1.40
CA PRO A 105 -2.21 -19.36 0.68
C PRO A 105 -3.71 -19.17 0.87
N PHE A 106 -4.47 -19.64 -0.12
CA PHE A 106 -5.94 -19.61 -0.13
C PHE A 106 -6.49 -21.01 -0.41
N TYR A 107 -7.56 -21.41 0.31
CA TYR A 107 -8.20 -22.70 0.05
C TYR A 107 -9.18 -22.60 -1.11
N LEU A 108 -9.05 -23.50 -2.08
CA LEU A 108 -9.89 -23.55 -3.28
C LEU A 108 -10.81 -24.75 -3.16
N THR A 109 -12.07 -24.51 -2.77
CA THR A 109 -12.90 -25.63 -2.39
C THR A 109 -13.11 -26.54 -3.59
N ASP A 110 -13.16 -27.82 -3.27
CA ASP A 110 -13.59 -28.94 -4.09
C ASP A 110 -14.53 -28.50 -5.22
N ILE A 111 -15.45 -27.57 -4.94
CA ILE A 111 -16.54 -27.28 -5.86
C ILE A 111 -16.44 -25.89 -6.48
N ASP A 112 -15.88 -24.89 -5.78
CA ASP A 112 -15.51 -23.65 -6.46
C ASP A 112 -14.63 -23.93 -7.66
N ARG A 113 -13.93 -25.04 -7.67
CA ARG A 113 -13.03 -25.28 -8.77
C ARG A 113 -13.74 -25.88 -9.97
N LYS A 114 -14.93 -26.45 -9.77
CA LYS A 114 -15.78 -26.73 -10.92
C LYS A 114 -16.12 -25.43 -11.65
N ARG A 115 -16.58 -24.42 -10.91
CA ARG A 115 -16.96 -23.18 -11.57
C ARG A 115 -15.82 -22.63 -12.40
N PHE A 116 -14.59 -22.71 -11.88
CA PHE A 116 -13.47 -22.00 -12.49
C PHE A 116 -13.23 -22.45 -13.93
N ASN A 117 -13.02 -23.75 -14.15
CA ASN A 117 -12.89 -24.24 -15.52
C ASN A 117 -14.19 -24.77 -16.10
N GLU A 118 -15.29 -24.17 -15.77
CA GLU A 118 -16.51 -24.52 -16.48
C GLU A 118 -17.24 -23.31 -17.08
N GLU A 119 -17.26 -22.16 -16.39
CA GLU A 119 -17.73 -20.94 -17.03
C GLU A 119 -16.82 -19.73 -16.85
N ILE A 120 -15.89 -19.75 -15.89
CA ILE A 120 -14.90 -18.69 -15.77
C ILE A 120 -13.78 -18.88 -16.79
N LYS A 121 -13.18 -20.05 -16.84
CA LYS A 121 -12.00 -20.17 -17.68
C LYS A 121 -12.37 -20.19 -19.15
N PRO A 122 -13.43 -20.86 -19.57
CA PRO A 122 -13.69 -20.97 -21.02
C PRO A 122 -14.18 -19.68 -21.63
N TYR A 123 -14.53 -18.66 -20.82
CA TYR A 123 -14.88 -17.34 -21.35
C TYR A 123 -13.68 -16.40 -21.40
N TRP A 124 -12.91 -16.33 -20.32
CA TRP A 124 -11.88 -15.31 -20.16
C TRP A 124 -10.54 -15.71 -20.77
N LYS A 125 -10.44 -16.81 -21.48
CA LYS A 125 -9.11 -17.26 -21.88
C LYS A 125 -8.56 -16.34 -22.97
N GLY A 126 -7.53 -15.56 -22.63
CA GLY A 126 -6.95 -14.63 -23.59
C GLY A 126 -7.60 -13.28 -23.67
N ARG A 127 -8.18 -12.78 -22.56
CA ARG A 127 -8.92 -11.52 -22.58
C ARG A 127 -8.58 -10.60 -21.43
N SER A 128 -7.50 -10.84 -20.70
CA SER A 128 -7.32 -10.10 -19.45
C SER A 128 -6.18 -9.09 -19.55
N THR A 129 -6.34 -7.98 -18.81
CA THR A 129 -5.27 -7.06 -18.44
C THR A 129 -3.96 -7.81 -18.28
N PHE A 130 -3.81 -8.54 -17.19
CA PHE A 130 -2.56 -9.23 -16.92
C PHE A 130 -2.05 -9.99 -18.13
N GLU A 131 -2.94 -10.65 -18.87
CA GLU A 131 -2.49 -11.41 -20.05
C GLU A 131 -1.89 -10.48 -21.10
N LYS A 132 -2.50 -9.32 -21.33
CA LYS A 132 -1.93 -8.32 -22.23
C LYS A 132 -0.55 -7.87 -21.76
N TRP A 133 -0.36 -7.77 -20.43
CA TRP A 133 0.93 -7.32 -19.92
C TRP A 133 2.02 -8.34 -20.19
N LEU A 134 1.73 -9.62 -19.98
CA LEU A 134 2.77 -10.61 -20.18
C LEU A 134 3.27 -10.61 -21.61
N VAL A 135 2.39 -10.34 -22.56
CA VAL A 135 2.83 -10.39 -23.94
C VAL A 135 3.47 -9.12 -24.42
N GLN A 136 3.35 -8.01 -23.68
CA GLN A 136 3.79 -6.72 -24.19
C GLN A 136 4.94 -6.07 -23.45
N ILE A 137 5.19 -6.47 -22.20
CA ILE A 137 6.31 -5.96 -21.41
C ILE A 137 7.51 -5.84 -22.36
N PRO A 138 8.20 -4.70 -22.39
CA PRO A 138 9.30 -4.51 -23.34
C PRO A 138 10.47 -5.46 -23.11
N LYS A 139 11.17 -5.76 -24.22
CA LYS A 139 12.36 -6.61 -24.26
C LYS A 139 13.24 -6.42 -23.05
N GLU A 140 13.88 -5.25 -22.98
CA GLU A 140 14.84 -5.03 -21.91
C GLU A 140 14.17 -5.09 -20.53
N THR A 141 12.98 -4.51 -20.39
CA THR A 141 12.31 -4.63 -19.10
C THR A 141 12.14 -6.09 -18.72
N LYS A 142 11.76 -6.92 -19.68
CA LYS A 142 11.38 -8.29 -19.36
C LYS A 142 12.57 -9.07 -18.81
N ILE A 143 13.73 -8.93 -19.47
CA ILE A 143 14.94 -9.57 -18.97
C ILE A 143 15.21 -9.15 -17.53
N LEU A 144 15.32 -7.84 -17.31
CA LEU A 144 15.66 -7.35 -15.98
C LEU A 144 14.70 -7.92 -14.94
N ARG A 145 13.41 -7.97 -15.28
CA ARG A 145 12.47 -8.62 -14.37
C ARG A 145 12.88 -10.05 -14.09
N ASP A 146 13.26 -10.79 -15.15
CA ASP A 146 13.62 -12.18 -15.00
C ASP A 146 14.89 -12.33 -14.20
N CYS A 147 15.92 -11.57 -14.56
CA CYS A 147 17.20 -11.65 -13.90
C CYS A 147 17.16 -11.03 -12.51
N GLY A 148 15.96 -10.86 -11.97
CA GLY A 148 15.81 -10.45 -10.58
C GLY A 148 16.03 -8.97 -10.30
N VAL A 149 16.17 -8.14 -11.34
CA VAL A 149 16.62 -6.76 -11.14
C VAL A 149 15.49 -5.79 -10.78
N LEU A 150 14.24 -6.08 -11.16
CA LEU A 150 13.10 -5.25 -10.77
C LEU A 150 11.81 -6.06 -10.82
N TYR A 151 10.76 -5.55 -10.17
CA TYR A 151 9.53 -6.29 -9.95
C TYR A 151 8.33 -5.46 -10.48
N ILE A 152 7.93 -5.70 -11.74
CA ILE A 152 6.84 -4.93 -12.36
C ILE A 152 5.49 -5.64 -12.35
N ASN A 153 5.47 -6.98 -12.28
CA ASN A 153 4.22 -7.69 -12.54
C ASN A 153 3.13 -7.41 -11.52
N ARG A 154 3.48 -6.91 -10.32
CA ARG A 154 2.48 -6.69 -9.27
C ARG A 154 1.30 -5.83 -9.74
N LYS A 155 1.54 -4.70 -10.39
CA LYS A 155 0.42 -3.83 -10.72
C LYS A 155 -0.25 -4.20 -12.02
N ALA A 156 0.07 -5.36 -12.59
CA ALA A 156 -0.74 -5.89 -13.68
C ALA A 156 -1.69 -6.98 -13.22
N VAL A 157 -1.56 -7.48 -11.99
CA VAL A 157 -2.57 -8.37 -11.41
C VAL A 157 -3.50 -7.60 -10.48
N ARG A 158 -3.01 -6.53 -9.83
CA ARG A 158 -3.79 -5.77 -8.86
C ARG A 158 -4.26 -4.47 -9.50
N GLY A 159 -5.60 -4.22 -9.46
CA GLY A 159 -6.31 -3.11 -10.10
C GLY A 159 -5.72 -1.77 -9.75
N TRP A 160 -6.48 -0.68 -9.77
CA TRP A 160 -5.76 0.57 -9.47
C TRP A 160 -5.37 0.68 -7.99
N GLY A 161 -6.32 0.98 -7.12
CA GLY A 161 -5.88 1.15 -5.76
C GLY A 161 -5.03 2.41 -5.61
N GLU A 162 -4.21 2.40 -4.57
CA GLU A 162 -3.26 3.47 -4.27
C GLU A 162 -3.89 4.85 -4.49
N THR A 163 -5.10 5.03 -3.95
CA THR A 163 -5.75 6.33 -3.98
C THR A 163 -6.83 6.40 -2.92
N THR A 164 -7.05 7.59 -2.39
CA THR A 164 -8.13 7.77 -1.44
C THR A 164 -9.29 8.45 -2.17
N ALA A 165 -10.44 7.75 -2.24
CA ALA A 165 -11.54 8.13 -3.12
C ALA A 165 -12.30 9.32 -2.53
N GLY A 166 -13.41 9.67 -3.17
CA GLY A 166 -14.19 10.82 -2.73
C GLY A 166 -15.22 10.46 -1.69
N TYR A 167 -14.79 9.89 -0.55
CA TYR A 167 -15.74 9.41 0.43
C TYR A 167 -16.58 10.56 0.96
N GLU A 168 -15.97 11.74 1.12
CA GLU A 168 -16.68 12.78 1.83
C GLU A 168 -17.93 13.22 1.08
N MET A 169 -17.94 13.08 -0.24
CA MET A 169 -19.11 13.46 -1.02
C MET A 169 -20.23 12.47 -0.81
N VAL A 170 -19.89 11.18 -0.81
CA VAL A 170 -20.90 10.14 -0.68
C VAL A 170 -21.57 10.17 0.69
N ILE A 171 -20.87 10.67 1.70
CA ILE A 171 -21.51 10.88 2.98
C ILE A 171 -22.41 12.12 2.95
N ASN A 172 -21.96 13.15 2.22
CA ASN A 172 -22.57 14.48 2.27
C ASN A 172 -23.59 14.75 1.17
N GLU A 173 -23.56 14.02 0.08
CA GLU A 173 -24.61 14.12 -0.92
C GLU A 173 -25.37 12.83 -1.12
N GLY A 174 -24.76 11.68 -0.84
CA GLY A 174 -25.34 10.43 -1.24
C GLY A 174 -25.49 10.34 -2.74
N ILE A 175 -25.70 9.11 -3.23
CA ILE A 175 -25.80 8.78 -4.64
C ILE A 175 -26.92 9.60 -5.24
N GLU A 176 -27.83 10.09 -4.38
CA GLU A 176 -28.86 11.02 -4.82
C GLU A 176 -28.23 12.28 -5.40
N GLY A 177 -27.40 12.97 -4.61
CA GLY A 177 -26.77 14.19 -5.05
C GLY A 177 -25.73 13.97 -6.14
N ILE A 178 -25.11 12.79 -6.17
CA ILE A 178 -24.17 12.57 -7.26
C ILE A 178 -24.92 12.37 -8.57
N LYS A 179 -26.13 11.83 -8.52
CA LYS A 179 -26.89 11.64 -9.74
C LYS A 179 -27.22 12.96 -10.39
N ARG A 180 -27.40 14.02 -9.57
CA ARG A 180 -27.64 15.35 -10.10
C ARG A 180 -26.43 15.85 -10.90
N ARG A 181 -25.24 15.77 -10.31
CA ARG A 181 -24.01 16.05 -11.05
C ARG A 181 -23.98 15.30 -12.38
N ILE A 182 -24.41 14.02 -12.38
CA ILE A 182 -24.38 13.26 -13.63
C ILE A 182 -25.37 13.85 -14.63
N GLU A 183 -26.57 14.22 -14.18
CA GLU A 183 -27.56 14.74 -15.12
C GLU A 183 -27.20 16.15 -15.58
N GLU A 184 -26.53 16.94 -14.73
CA GLU A 184 -26.07 18.25 -15.15
C GLU A 184 -25.17 18.16 -16.38
N THR A 185 -24.14 17.31 -16.34
CA THR A 185 -23.20 17.31 -17.46
C THR A 185 -23.71 16.52 -18.65
N LYS A 186 -24.71 15.65 -18.45
CA LYS A 186 -25.33 14.91 -19.56
C LYS A 186 -26.22 15.82 -20.38
N ASN A 187 -26.91 16.75 -19.70
CA ASN A 187 -27.77 17.73 -20.33
C ASN A 187 -26.99 18.76 -21.14
N ASN A 188 -25.70 18.94 -20.85
CA ASN A 188 -24.84 19.87 -21.56
C ASN A 188 -24.17 19.26 -22.78
N LEU A 189 -24.59 18.07 -23.21
CA LEU A 189 -23.95 17.37 -24.30
C LEU A 189 -24.97 17.14 -25.38
N ASP A 190 -24.48 16.80 -26.57
CA ASP A 190 -25.30 16.73 -27.78
C ASP A 190 -24.66 15.70 -28.70
N ILE A 191 -25.32 14.55 -28.88
CA ILE A 191 -24.76 13.44 -29.64
C ILE A 191 -24.48 13.81 -31.07
N THR A 192 -25.15 14.85 -31.58
CA THR A 192 -24.80 15.40 -32.89
C THR A 192 -23.36 15.94 -32.91
N LYS A 193 -22.83 16.36 -31.77
CA LYS A 193 -21.62 17.16 -31.74
C LYS A 193 -20.38 16.29 -31.63
N SER A 194 -19.38 16.59 -32.47
CA SER A 194 -18.14 15.82 -32.60
C SER A 194 -17.81 14.89 -31.45
N GLY A 195 -17.44 15.42 -30.30
CA GLY A 195 -16.84 14.47 -29.38
C GLY A 195 -17.75 13.82 -28.38
N HIS A 196 -19.07 14.01 -28.50
CA HIS A 196 -19.97 13.89 -27.36
C HIS A 196 -20.48 12.47 -27.12
N TYR A 197 -20.46 11.60 -28.12
CA TYR A 197 -21.03 10.27 -27.90
C TYR A 197 -20.23 9.50 -26.84
N GLU A 198 -18.89 9.54 -26.90
CA GLU A 198 -18.11 8.83 -25.89
C GLU A 198 -18.45 9.34 -24.51
N LYS A 199 -18.53 10.68 -24.35
CA LYS A 199 -18.83 11.28 -23.05
C LYS A 199 -20.25 10.98 -22.58
N LEU A 200 -21.22 10.79 -23.50
CA LEU A 200 -22.57 10.41 -23.09
C LEU A 200 -22.63 8.95 -22.73
N ALA A 201 -21.89 8.11 -23.47
CA ALA A 201 -21.90 6.68 -23.27
C ALA A 201 -21.27 6.31 -21.94
N TYR A 202 -20.09 6.88 -21.62
CA TYR A 202 -19.52 6.66 -20.29
C TYR A 202 -20.52 7.06 -19.23
N LEU A 203 -21.09 8.25 -19.38
CA LEU A 203 -21.95 8.79 -18.34
C LEU A 203 -23.07 7.80 -18.02
N LYS A 204 -23.52 7.00 -19.00
CA LYS A 204 -24.44 5.91 -18.72
C LYS A 204 -23.86 4.91 -17.74
N ALA A 205 -22.58 4.56 -17.92
CA ALA A 205 -21.98 3.59 -17.01
C ALA A 205 -21.96 4.14 -15.59
N LEU A 206 -21.59 5.40 -15.43
CA LEU A 206 -21.78 6.06 -14.14
C LEU A 206 -23.23 6.00 -13.64
N SER A 207 -24.22 5.84 -14.52
CA SER A 207 -25.60 5.76 -14.05
C SER A 207 -25.97 4.38 -13.58
N LEU A 208 -25.43 3.34 -14.24
CA LEU A 208 -25.70 1.99 -13.78
C LEU A 208 -25.08 1.74 -12.43
N VAL A 209 -23.84 2.20 -12.25
CA VAL A 209 -23.10 1.90 -11.04
C VAL A 209 -23.69 2.62 -9.83
N ALA A 210 -24.18 3.86 -10.03
CA ALA A 210 -24.96 4.48 -8.97
C ALA A 210 -26.18 3.64 -8.62
N GLU A 211 -26.82 3.09 -9.66
CA GLU A 211 -28.00 2.26 -9.46
C GLU A 211 -27.65 0.98 -8.73
N GLY A 212 -26.51 0.38 -9.09
CA GLY A 212 -26.06 -0.84 -8.46
C GLY A 212 -25.76 -0.70 -6.98
N ILE A 213 -25.20 0.43 -6.57
CA ILE A 213 -24.91 0.64 -5.15
C ILE A 213 -26.21 0.77 -4.36
N ILE A 214 -27.11 1.66 -4.80
CA ILE A 214 -28.49 1.73 -4.30
C ILE A 214 -29.05 0.35 -4.01
N ILE A 215 -29.15 -0.47 -5.05
CA ILE A 215 -29.68 -1.82 -4.99
C ILE A 215 -29.09 -2.54 -3.79
N LEU A 216 -27.78 -2.73 -3.84
CA LEU A 216 -27.07 -3.45 -2.79
C LEU A 216 -27.52 -2.99 -1.41
N SER A 217 -27.42 -1.68 -1.15
CA SER A 217 -27.59 -1.18 0.22
C SER A 217 -28.99 -1.48 0.76
N LYS A 218 -29.99 -1.56 -0.10
CA LYS A 218 -31.34 -1.86 0.35
C LYS A 218 -31.54 -3.35 0.63
N ARG A 219 -31.02 -4.23 -0.24
CA ARG A 219 -30.97 -5.64 0.10
C ARG A 219 -30.30 -5.85 1.46
N TYR A 220 -29.39 -4.98 1.85
CA TYR A 220 -28.77 -5.16 3.15
C TYR A 220 -29.75 -4.87 4.28
N ALA A 221 -30.43 -3.72 4.25
CA ALA A 221 -31.46 -3.48 5.25
C ALA A 221 -32.46 -4.62 5.26
N LYS A 222 -32.92 -5.02 4.07
CA LYS A 222 -33.88 -6.12 3.96
C LYS A 222 -33.46 -7.33 4.81
N GLU A 223 -32.21 -7.78 4.66
CA GLU A 223 -31.70 -8.85 5.50
C GLU A 223 -31.80 -8.50 6.97
N ALA A 224 -31.64 -7.22 7.33
CA ALA A 224 -31.64 -6.81 8.73
C ALA A 224 -33.04 -6.73 9.33
N LYS A 225 -34.06 -6.60 8.50
CA LYS A 225 -35.43 -6.80 8.98
C LYS A 225 -35.71 -8.29 9.15
N ARG A 226 -35.37 -9.09 8.14
CA ARG A 226 -35.46 -10.54 8.28
C ARG A 226 -34.80 -11.03 9.58
N LEU A 227 -33.59 -10.54 9.91
CA LEU A 227 -32.97 -10.97 11.16
C LEU A 227 -33.74 -10.49 12.38
N ALA A 228 -34.33 -9.30 12.31
CA ALA A 228 -35.19 -8.85 13.40
C ALA A 228 -36.35 -9.83 13.63
N GLN A 229 -37.24 -9.95 12.64
CA GLN A 229 -38.49 -10.70 12.79
C GLN A 229 -38.27 -12.20 13.03
N LEU A 230 -37.09 -12.56 13.56
CA LEU A 230 -36.78 -13.89 14.06
C LEU A 230 -35.92 -13.78 15.30
N GLU A 231 -35.83 -12.58 15.86
CA GLU A 231 -34.87 -12.30 16.92
C GLU A 231 -35.54 -12.45 18.28
N THR A 232 -34.96 -13.31 19.11
CA THR A 232 -35.39 -13.44 20.49
C THR A 232 -34.88 -12.27 21.34
N ASP A 233 -33.57 -12.07 21.36
CA ASP A 233 -32.98 -11.00 22.16
C ASP A 233 -33.60 -9.65 21.86
N SER A 234 -34.25 -9.09 22.89
CA SER A 234 -34.80 -7.74 22.82
C SER A 234 -33.80 -6.78 22.19
N LYS A 235 -32.59 -6.71 22.76
CA LYS A 235 -31.50 -5.88 22.28
C LYS A 235 -31.17 -6.11 20.81
N ARG A 236 -30.61 -7.28 20.51
CA ARG A 236 -30.11 -7.58 19.17
C ARG A 236 -31.19 -7.52 18.13
N LYS A 237 -32.46 -7.57 18.55
CA LYS A 237 -33.53 -7.24 17.61
C LYS A 237 -33.58 -5.74 17.36
N LYS A 238 -33.59 -4.93 18.43
CA LYS A 238 -33.67 -3.48 18.22
C LYS A 238 -32.42 -2.89 17.57
N GLU A 239 -31.29 -3.62 17.54
CA GLU A 239 -30.14 -3.15 16.77
C GLU A 239 -30.28 -3.45 15.29
N LEU A 240 -30.80 -4.65 14.98
CA LEU A 240 -31.18 -5.00 13.61
C LEU A 240 -32.10 -3.96 12.97
N GLU A 241 -33.10 -3.47 13.73
CA GLU A 241 -34.04 -2.51 13.18
C GLU A 241 -33.37 -1.17 12.85
N ILE A 242 -32.32 -0.81 13.58
CA ILE A 242 -31.60 0.43 13.28
C ILE A 242 -30.56 0.19 12.18
N ILE A 243 -30.05 -1.04 12.06
CA ILE A 243 -29.21 -1.41 10.92
C ILE A 243 -30.01 -1.38 9.64
N ALA A 244 -31.32 -1.63 9.72
CA ALA A 244 -32.17 -1.40 8.55
C ALA A 244 -32.52 0.06 8.38
N LYS A 245 -32.86 0.78 9.46
CA LYS A 245 -33.20 2.19 9.30
C LYS A 245 -32.06 2.95 8.65
N THR A 246 -30.81 2.53 8.92
CA THR A 246 -29.62 3.09 8.30
C THR A 246 -29.54 2.61 6.87
N CYS A 247 -29.21 1.33 6.66
CA CYS A 247 -28.97 0.77 5.33
C CYS A 247 -30.00 1.19 4.30
N ASP A 248 -31.08 1.84 4.73
CA ASP A 248 -32.10 2.31 3.81
C ASP A 248 -31.78 3.69 3.28
N ARG A 249 -31.07 4.48 4.09
CA ARG A 249 -30.64 5.84 3.79
C ARG A 249 -29.21 5.78 3.26
N VAL A 250 -28.23 5.69 4.15
CA VAL A 250 -26.83 5.43 3.79
C VAL A 250 -26.45 5.89 2.38
N PRO A 251 -26.05 5.07 1.39
CA PRO A 251 -25.57 5.73 0.18
C PRO A 251 -26.64 6.52 -0.57
N GLU A 252 -27.84 5.97 -0.79
CA GLU A 252 -28.81 6.71 -1.58
C GLU A 252 -28.91 8.16 -1.15
N LYS A 253 -29.07 8.42 0.14
CA LYS A 253 -29.25 9.80 0.60
C LYS A 253 -28.10 10.23 1.52
N PRO A 254 -28.05 11.50 1.91
CA PRO A 254 -26.94 11.95 2.74
C PRO A 254 -27.02 11.44 4.18
N ALA A 255 -25.86 11.08 4.73
CA ALA A 255 -25.77 10.73 6.14
C ALA A 255 -26.50 11.77 6.99
N ARG A 256 -27.00 11.34 8.15
CA ARG A 256 -27.53 12.28 9.15
C ARG A 256 -27.02 12.04 10.56
N THR A 257 -26.56 10.83 10.86
CA THR A 257 -26.03 10.52 12.17
C THR A 257 -24.69 9.84 11.99
N PHE A 258 -23.93 9.82 13.10
CA PHE A 258 -22.66 9.11 13.12
C PHE A 258 -22.81 7.70 12.54
N ARG A 259 -23.68 6.89 13.13
CA ARG A 259 -24.02 5.59 12.53
C ARG A 259 -24.09 5.68 11.01
N GLU A 260 -24.89 6.62 10.51
CA GLU A 260 -25.20 6.68 9.09
C GLU A 260 -24.03 7.17 8.24
N ALA A 261 -23.05 7.87 8.83
CA ALA A 261 -21.82 8.16 8.11
C ALA A 261 -20.94 6.92 7.97
N LEU A 262 -20.65 6.23 9.07
CA LEU A 262 -19.82 5.04 8.98
C LEU A 262 -20.39 3.98 8.04
N GLN A 263 -21.70 3.97 7.79
CA GLN A 263 -22.20 2.98 6.85
C GLN A 263 -22.12 3.48 5.41
N SER A 264 -22.43 4.77 5.17
CA SER A 264 -22.05 5.41 3.92
C SER A 264 -20.63 5.03 3.51
N LEU A 265 -19.65 5.47 4.29
CA LEU A 265 -18.26 5.17 4.04
C LEU A 265 -18.08 3.70 3.68
N TYR A 266 -18.16 2.81 4.67
CA TYR A 266 -17.76 1.43 4.42
C TYR A 266 -18.59 0.80 3.30
N PHE A 267 -19.88 1.11 3.21
CA PHE A 267 -20.63 0.65 2.06
C PHE A 267 -19.88 0.95 0.76
N TYR A 268 -19.52 2.22 0.55
CA TYR A 268 -18.76 2.59 -0.66
C TYR A 268 -17.41 1.86 -0.70
N GLN A 269 -16.71 1.80 0.43
CA GLN A 269 -15.41 1.15 0.49
C GLN A 269 -15.42 -0.23 -0.15
N ILE A 270 -16.48 -1.02 0.08
CA ILE A 270 -16.46 -2.40 -0.38
C ILE A 270 -16.83 -2.49 -1.85
N CYS A 271 -17.62 -1.55 -2.36
CA CYS A 271 -17.94 -1.57 -3.78
C CYS A 271 -16.69 -1.35 -4.61
N ILE A 272 -15.94 -0.28 -4.33
CA ILE A 272 -14.70 -0.04 -5.07
C ILE A 272 -13.78 -1.26 -4.99
N PHE A 273 -13.68 -1.89 -3.81
CA PHE A 273 -12.90 -3.12 -3.74
C PHE A 273 -13.63 -4.27 -4.41
N MET A 274 -14.96 -4.14 -4.63
CA MET A 274 -15.67 -5.19 -5.36
C MET A 274 -15.20 -5.25 -6.80
N GLU A 275 -15.02 -4.09 -7.45
CA GLU A 275 -14.77 -4.18 -8.88
C GLU A 275 -13.32 -4.48 -9.21
N GLN A 276 -12.33 -4.06 -8.40
CA GLN A 276 -10.96 -4.35 -8.81
C GLN A 276 -10.00 -4.94 -7.78
N ASN A 277 -10.19 -4.78 -6.48
CA ASN A 277 -9.36 -5.56 -5.56
C ASN A 277 -7.93 -5.03 -5.42
N ALA A 278 -7.68 -3.76 -5.71
CA ALA A 278 -6.31 -3.28 -5.61
C ALA A 278 -5.85 -3.10 -4.16
N ALA A 279 -4.54 -2.98 -4.00
CA ALA A 279 -3.97 -2.67 -2.71
C ALA A 279 -4.10 -1.19 -2.41
N SER A 280 -4.40 -0.86 -1.15
CA SER A 280 -4.27 0.52 -0.69
C SER A 280 -5.42 1.44 -1.13
N TYR A 281 -6.66 1.03 -0.86
CA TYR A 281 -7.80 1.94 -0.90
C TYR A 281 -7.86 2.62 0.45
N ASN A 282 -7.25 3.79 0.57
CA ASN A 282 -7.09 4.44 1.88
C ASN A 282 -8.30 5.30 2.21
N PRO A 283 -9.04 4.99 3.27
CA PRO A 283 -10.16 5.86 3.63
C PRO A 283 -9.72 7.23 4.06
N GLY A 284 -8.46 7.42 4.46
CA GLY A 284 -7.88 8.77 4.56
C GLY A 284 -8.19 9.52 5.85
N ARG A 285 -8.22 10.85 5.74
CA ARG A 285 -8.47 11.75 6.86
C ARG A 285 -9.84 11.53 7.50
N MET A 286 -10.04 10.34 8.05
CA MET A 286 -11.28 9.95 8.70
C MET A 286 -11.61 10.78 9.93
N ASP A 287 -10.61 11.38 10.58
CA ASP A 287 -10.82 12.22 11.77
C ASP A 287 -11.29 13.63 11.46
N GLN A 288 -11.37 13.98 10.18
CA GLN A 288 -11.62 15.34 9.74
C GLN A 288 -12.99 15.55 9.16
N TYR A 289 -13.48 14.62 8.34
CA TYR A 289 -14.79 14.80 7.73
C TYR A 289 -15.89 14.10 8.51
N LEU A 290 -15.57 13.18 9.41
CA LEU A 290 -16.59 12.59 10.26
C LEU A 290 -16.87 13.41 11.51
N TYR A 291 -15.97 14.35 11.85
CA TYR A 291 -16.13 15.11 13.10
C TYR A 291 -17.46 15.84 13.17
N PRO A 292 -17.91 16.55 12.14
CA PRO A 292 -19.19 17.27 12.25
C PRO A 292 -20.33 16.39 12.65
N TYR A 293 -20.32 15.12 12.22
CA TYR A 293 -21.38 14.21 12.65
C TYR A 293 -21.20 13.81 14.11
N TYR A 294 -19.97 13.50 14.50
CA TYR A 294 -19.69 13.19 15.91
C TYR A 294 -20.10 14.35 16.82
N LYS A 295 -19.64 15.57 16.54
CA LYS A 295 -19.99 16.70 17.39
C LYS A 295 -21.51 16.82 17.57
N SER A 296 -22.26 17.05 16.49
CA SER A 296 -23.69 17.30 16.65
C SER A 296 -24.45 16.11 17.26
N ASP A 297 -23.96 14.87 17.12
CA ASP A 297 -24.57 13.72 17.78
C ASP A 297 -24.26 13.62 19.27
N ILE A 298 -23.14 14.18 19.72
CA ILE A 298 -22.86 14.23 21.15
C ILE A 298 -23.83 15.17 21.84
N GLU A 299 -23.92 16.40 21.34
CA GLU A 299 -24.77 17.41 21.94
C GLU A 299 -26.22 17.24 21.51
N SER A 300 -26.60 16.02 21.12
CA SER A 300 -28.00 15.69 20.89
C SER A 300 -28.44 14.40 21.57
N GLY A 301 -27.50 13.58 22.04
CA GLY A 301 -27.80 12.32 22.67
C GLY A 301 -27.84 11.13 21.73
N ARG A 302 -27.97 11.36 20.42
CA ARG A 302 -28.06 10.23 19.49
C ARG A 302 -26.89 9.27 19.63
N ILE A 303 -25.72 9.77 20.03
CA ILE A 303 -24.61 8.89 20.36
C ILE A 303 -23.92 9.42 21.60
N THR A 304 -23.42 8.49 22.42
CA THR A 304 -22.56 8.80 23.54
C THR A 304 -21.15 8.30 23.23
N LYS A 305 -20.13 9.03 23.71
CA LYS A 305 -18.75 8.71 23.39
C LYS A 305 -18.49 7.20 23.40
N ASP A 306 -19.07 6.46 24.34
CA ASP A 306 -18.80 5.03 24.38
C ASP A 306 -19.54 4.30 23.26
N GLU A 307 -20.74 4.75 22.91
CA GLU A 307 -21.41 4.17 21.74
C GLU A 307 -20.61 4.44 20.47
N ALA A 308 -19.89 5.58 20.41
CA ALA A 308 -18.94 5.89 19.35
C ALA A 308 -17.84 4.85 19.21
N GLN A 309 -17.01 4.73 20.25
CA GLN A 309 -15.86 3.83 20.16
C GLN A 309 -16.26 2.37 19.97
N GLU A 310 -17.48 1.99 20.34
CA GLU A 310 -17.97 0.67 19.96
C GLU A 310 -18.07 0.56 18.44
N LEU A 311 -18.80 1.50 17.81
CA LEU A 311 -18.95 1.54 16.36
C LEU A 311 -17.62 1.41 15.66
N LEU A 312 -16.72 2.34 15.96
CA LEU A 312 -15.36 2.28 15.41
C LEU A 312 -14.76 0.89 15.56
N ASP A 313 -14.67 0.39 16.79
CA ASP A 313 -14.03 -0.91 16.99
C ASP A 313 -14.68 -1.98 16.09
N CYS A 314 -15.98 -1.87 15.80
CA CYS A 314 -16.58 -2.75 14.79
C CYS A 314 -16.04 -2.44 13.40
N LEU A 315 -16.02 -1.16 13.04
CA LEU A 315 -15.53 -0.81 11.72
C LEU A 315 -14.15 -1.40 11.52
N TRP A 316 -13.28 -1.23 12.54
CA TRP A 316 -11.92 -1.76 12.53
C TRP A 316 -11.89 -3.27 12.30
N VAL A 317 -12.85 -4.01 12.85
CA VAL A 317 -12.91 -5.44 12.57
C VAL A 317 -13.42 -5.72 11.16
N LYS A 318 -14.28 -4.84 10.62
CA LYS A 318 -14.64 -4.99 9.22
C LYS A 318 -13.45 -4.69 8.29
N PHE A 319 -12.67 -3.64 8.62
CA PHE A 319 -11.44 -3.35 7.88
C PHE A 319 -10.50 -4.54 7.90
N SER A 320 -10.54 -5.34 8.95
CA SER A 320 -9.64 -6.47 9.07
C SER A 320 -10.14 -7.70 8.35
N GLU A 321 -11.22 -7.58 7.58
CA GLU A 321 -11.99 -8.70 7.04
C GLU A 321 -11.44 -9.28 5.73
N PRO A 322 -11.18 -8.47 4.68
CA PRO A 322 -10.85 -9.04 3.37
C PRO A 322 -9.38 -9.44 3.29
N CYS A 323 -9.05 -10.09 2.17
CA CYS A 323 -7.70 -10.55 1.91
C CYS A 323 -7.30 -10.14 0.50
N LEU A 324 -6.20 -9.39 0.38
CA LEU A 324 -5.69 -8.98 -0.93
C LEU A 324 -5.22 -10.19 -1.73
N PHE A 325 -5.72 -10.33 -2.96
CA PHE A 325 -5.42 -11.50 -3.76
C PHE A 325 -4.20 -11.26 -4.65
N GLN A 326 -3.25 -12.21 -4.63
CA GLN A 326 -2.07 -12.13 -5.48
C GLN A 326 -1.53 -13.52 -5.80
N ASP A 327 -0.78 -13.58 -6.89
CA ASP A 327 -0.19 -14.81 -7.34
C ASP A 327 0.88 -15.30 -6.36
N GLU A 328 1.37 -16.52 -6.65
CA GLU A 328 2.42 -17.21 -5.90
C GLU A 328 3.53 -16.27 -5.49
N VAL A 329 3.99 -15.45 -6.42
CA VAL A 329 5.27 -14.76 -6.30
C VAL A 329 5.10 -13.35 -5.78
N THR A 330 4.13 -12.59 -6.28
CA THR A 330 3.95 -11.26 -5.71
C THR A 330 3.73 -11.34 -4.21
N ALA A 331 3.28 -12.50 -3.70
CA ALA A 331 3.11 -12.67 -2.25
C ALA A 331 4.45 -12.61 -1.54
N GLN A 332 5.44 -13.36 -2.03
CA GLN A 332 6.80 -13.23 -1.53
C GLN A 332 7.20 -11.76 -1.37
N PHE A 333 6.96 -10.95 -2.41
CA PHE A 333 7.25 -9.53 -2.38
C PHE A 333 6.27 -8.70 -1.57
N SER A 334 5.41 -9.29 -0.76
CA SER A 334 4.53 -8.46 0.06
C SER A 334 3.65 -9.30 0.97
N ALA A 335 4.27 -10.16 1.78
CA ALA A 335 3.54 -11.23 2.44
C ALA A 335 2.46 -10.65 3.37
N GLY A 336 1.44 -11.46 3.63
CA GLY A 336 0.52 -11.22 4.72
C GLY A 336 -0.88 -10.75 4.37
N TYR A 337 -1.33 -10.93 3.14
CA TYR A 337 -2.69 -10.59 2.78
C TYR A 337 -3.01 -9.11 2.86
N PRO A 338 -2.02 -8.22 2.82
CA PRO A 338 -2.24 -6.85 3.31
C PRO A 338 -3.08 -5.99 2.35
N MET A 339 -4.08 -5.33 2.91
CA MET A 339 -4.92 -4.42 2.16
C MET A 339 -4.40 -2.98 2.15
N PHE A 340 -3.63 -2.59 3.17
CA PHE A 340 -3.01 -1.27 3.23
C PHE A 340 -4.05 -0.13 3.25
N GLN A 341 -5.04 -0.23 4.12
CA GLN A 341 -6.14 0.73 4.06
C GLN A 341 -5.86 1.88 5.01
N ASN A 342 -5.24 2.94 4.52
CA ASN A 342 -4.64 3.92 5.43
C ASN A 342 -5.72 4.83 6.04
N VAL A 343 -5.81 4.86 7.38
CA VAL A 343 -6.62 5.85 8.09
C VAL A 343 -5.70 6.73 8.93
N CYS A 344 -5.96 8.04 8.90
CA CYS A 344 -5.01 8.97 9.47
C CYS A 344 -5.75 10.04 10.24
N VAL A 345 -5.07 10.56 11.27
CA VAL A 345 -5.64 11.53 12.20
C VAL A 345 -4.60 12.63 12.41
N GLY A 346 -5.08 13.83 12.72
CA GLY A 346 -4.21 14.92 13.12
C GLY A 346 -3.57 15.63 11.95
N GLY A 347 -3.08 16.84 12.23
CA GLY A 347 -2.42 17.67 11.25
C GLY A 347 -3.02 19.06 11.17
N ILE A 348 -3.27 19.53 9.95
CA ILE A 348 -3.55 20.95 9.73
C ILE A 348 -4.87 21.09 8.98
N ASP A 349 -5.49 22.25 9.20
CA ASP A 349 -6.80 22.63 8.74
C ASP A 349 -6.73 23.45 7.44
N GLU A 350 -7.87 23.55 6.75
CA GLU A 350 -8.00 24.43 5.57
C GLU A 350 -7.56 25.88 5.80
N ARG A 351 -7.42 26.33 7.07
CA ARG A 351 -6.97 27.68 7.36
C ARG A 351 -5.67 27.67 8.15
N GLY A 352 -5.01 26.52 8.20
CA GLY A 352 -3.69 26.46 8.78
C GLY A 352 -3.66 26.36 10.28
N MET A 353 -4.71 25.83 10.89
CA MET A 353 -4.77 25.72 12.33
C MET A 353 -4.89 24.25 12.70
N ASP A 354 -4.55 23.94 13.96
CA ASP A 354 -4.62 22.59 14.49
C ASP A 354 -5.91 21.93 13.99
N ALA A 355 -5.89 20.64 13.76
CA ALA A 355 -7.04 19.99 13.15
C ALA A 355 -7.46 18.77 13.94
N VAL A 356 -7.20 18.76 15.25
CA VAL A 356 -7.29 17.56 16.05
C VAL A 356 -8.37 17.77 17.10
N ASN A 357 -9.40 16.94 17.03
CA ASN A 357 -10.58 16.98 17.90
C ASN A 357 -10.67 15.66 18.67
N ASP A 358 -11.67 15.57 19.55
CA ASP A 358 -11.84 14.34 20.30
C ASP A 358 -11.75 13.14 19.36
N LEU A 359 -12.17 13.33 18.12
CA LEU A 359 -12.29 12.20 17.21
C LEU A 359 -10.93 11.69 16.76
N SER A 360 -9.90 12.56 16.76
CA SER A 360 -8.56 12.07 16.42
C SER A 360 -8.07 11.07 17.46
N PHE A 361 -8.41 11.27 18.74
CA PHE A 361 -7.92 10.37 19.79
C PHE A 361 -8.65 9.02 19.75
N MET A 362 -9.98 9.02 19.59
CA MET A 362 -10.76 7.78 19.53
C MET A 362 -10.44 6.92 18.33
N ILE A 363 -9.81 7.49 17.28
CA ILE A 363 -9.36 6.67 16.17
C ILE A 363 -8.01 6.03 16.48
N LEU A 364 -7.13 6.74 17.20
CA LEU A 364 -6.03 6.07 17.89
C LEU A 364 -6.55 5.05 18.91
N GLN A 365 -7.68 5.33 19.55
CA GLN A 365 -8.14 4.46 20.63
C GLN A 365 -8.58 3.10 20.10
N ALA A 366 -9.30 3.08 18.99
CA ALA A 366 -9.86 1.83 18.50
C ALA A 366 -8.79 0.86 18.02
N THR A 367 -7.56 1.30 17.85
CA THR A 367 -6.52 0.35 17.47
C THR A 367 -5.87 -0.23 18.71
N MET A 368 -5.77 0.54 19.81
CA MET A 368 -5.36 -0.05 21.09
C MET A 368 -6.33 -1.13 21.54
N ASP A 369 -7.61 -1.01 21.16
CA ASP A 369 -8.67 -1.94 21.56
C ASP A 369 -8.67 -3.22 20.70
N VAL A 370 -8.86 -3.07 19.39
CA VAL A 370 -9.16 -4.25 18.58
C VAL A 370 -7.89 -5.04 18.29
N GLN A 371 -6.81 -4.34 17.98
CA GLN A 371 -5.51 -4.93 17.71
C GLN A 371 -5.57 -6.02 16.63
N LEU A 372 -6.33 -5.78 15.56
CA LEU A 372 -6.15 -6.53 14.32
C LEU A 372 -5.31 -5.70 13.33
N TYR A 373 -5.01 -6.30 12.18
CA TYR A 373 -4.03 -5.69 11.28
C TYR A 373 -4.60 -4.74 10.25
N GLN A 374 -5.90 -4.46 10.24
CA GLN A 374 -6.12 -3.85 8.95
C GLN A 374 -6.74 -2.45 8.91
N PRO A 375 -6.94 -1.78 10.00
CA PRO A 375 -6.90 -0.31 9.84
C PRO A 375 -5.44 0.13 9.94
N SER A 376 -4.76 0.25 8.78
CA SER A 376 -3.43 0.86 8.69
C SER A 376 -3.44 2.28 9.25
N LEU A 377 -3.30 2.40 10.57
CA LEU A 377 -3.24 3.69 11.24
C LEU A 377 -2.03 4.48 10.78
N SER A 378 -2.11 5.80 10.98
CA SER A 378 -1.11 6.75 10.52
C SER A 378 -1.37 8.09 11.22
N VAL A 379 -0.34 8.93 11.24
CA VAL A 379 -0.40 10.24 11.88
C VAL A 379 0.23 11.31 10.99
N ARG A 380 -0.34 12.52 11.04
CA ARG A 380 0.22 13.72 10.42
C ARG A 380 0.58 14.73 11.50
N TYR A 381 1.73 14.53 12.14
CA TYR A 381 2.07 15.31 13.32
C TYR A 381 2.62 16.66 12.88
N ASN A 382 1.95 17.73 13.28
CA ASN A 382 2.38 19.08 12.94
C ASN A 382 2.91 19.70 14.22
N MET A 383 4.21 19.60 14.42
CA MET A 383 4.83 20.02 15.68
C MET A 383 4.36 21.40 16.11
N SER A 384 4.15 22.30 15.15
CA SER A 384 3.79 23.71 15.39
C SER A 384 2.29 23.95 15.47
N ARG A 385 1.51 22.91 15.77
CA ARG A 385 0.06 22.94 15.58
C ARG A 385 -0.63 21.85 16.40
N ASN A 386 -0.06 20.64 16.44
CA ASN A 386 -0.63 19.52 17.17
C ASN A 386 -0.12 19.47 18.61
N SER A 387 -1.05 19.40 19.57
CA SER A 387 -0.73 19.49 20.99
C SER A 387 0.13 18.32 21.48
N ASN A 388 1.06 18.63 22.40
CA ASN A 388 1.85 17.56 23.02
C ASN A 388 0.94 16.45 23.51
N ALA A 389 -0.27 16.82 23.97
CA ALA A 389 -1.26 15.85 24.39
C ALA A 389 -1.56 14.86 23.28
N PHE A 390 -1.88 15.36 22.08
CA PHE A 390 -1.94 14.48 20.93
C PHE A 390 -0.71 13.59 20.90
N LEU A 391 0.47 14.20 20.92
CA LEU A 391 1.69 13.44 20.73
C LEU A 391 1.81 12.31 21.75
N LYS A 392 1.46 12.59 23.00
CA LYS A 392 1.53 11.53 23.99
C LYS A 392 0.72 10.30 23.56
N LYS A 393 -0.57 10.51 23.30
CA LYS A 393 -1.43 9.39 22.89
C LYS A 393 -0.86 8.61 21.71
N VAL A 394 -0.14 9.28 20.81
CA VAL A 394 0.53 8.56 19.73
C VAL A 394 1.58 7.59 20.29
N ALA A 395 2.45 8.08 21.18
CA ALA A 395 3.54 7.23 21.66
C ALA A 395 3.02 6.10 22.53
N GLU A 396 1.98 6.37 23.33
CA GLU A 396 1.37 5.30 24.11
C GLU A 396 0.92 4.18 23.20
N VAL A 397 0.23 4.50 22.11
CA VAL A 397 -0.10 3.49 21.11
C VAL A 397 1.15 2.69 20.74
N MET A 398 2.19 3.39 20.27
CA MET A 398 3.33 2.69 19.68
C MET A 398 3.80 1.54 20.55
N LYS A 399 4.10 1.83 21.82
CA LYS A 399 4.73 0.83 22.67
C LYS A 399 3.70 -0.14 23.22
N LEU A 400 2.68 -0.43 22.42
CA LEU A 400 1.96 -1.68 22.51
C LEU A 400 2.60 -2.73 21.60
N GLY A 401 3.79 -2.46 21.08
CA GLY A 401 4.41 -3.36 20.12
C GLY A 401 3.47 -3.66 18.98
N THR A 402 2.44 -2.84 18.86
CA THR A 402 1.42 -3.06 17.86
C THR A 402 1.94 -2.89 16.43
N GLY A 403 3.00 -2.12 16.25
CA GLY A 403 3.36 -1.62 14.94
C GLY A 403 2.69 -0.33 14.55
N PHE A 404 1.58 -0.04 15.15
CA PHE A 404 0.88 1.14 14.79
C PHE A 404 1.20 2.18 15.76
N PRO A 405 1.18 3.40 15.32
CA PRO A 405 0.88 3.80 13.99
C PRO A 405 2.10 4.35 13.36
N ALA A 406 2.10 4.41 12.06
CA ALA A 406 3.19 4.96 11.33
C ALA A 406 3.08 6.40 11.48
N PHE A 407 4.22 7.02 11.61
CA PHE A 407 4.33 8.39 11.94
C PHE A 407 4.93 9.19 10.88
N HIS A 408 4.25 10.18 10.38
CA HIS A 408 4.79 11.07 9.36
C HIS A 408 4.97 12.49 9.88
N SER A 409 6.02 13.17 9.44
CA SER A 409 6.26 14.57 9.82
C SER A 409 5.50 15.47 8.86
N ASP A 410 4.27 15.81 9.25
CA ASP A 410 3.33 16.62 8.47
C ASP A 410 4.00 17.73 7.68
N GLU A 411 4.98 18.41 8.28
CA GLU A 411 5.64 19.51 7.60
C GLU A 411 6.37 19.02 6.36
N VAL A 412 6.84 17.79 6.36
CA VAL A 412 7.47 17.23 5.16
C VAL A 412 6.43 16.78 4.15
N GLY A 413 5.37 16.13 4.61
CA GLY A 413 4.36 15.63 3.70
C GLY A 413 3.68 16.72 2.90
N ILE A 414 3.65 17.94 3.42
CA ILE A 414 2.97 19.00 2.68
C ILE A 414 3.79 19.40 1.46
N GLN A 415 5.09 19.71 1.63
CA GLN A 415 5.86 20.12 0.46
C GLN A 415 6.08 18.98 -0.52
N MET A 416 6.07 17.73 -0.05
CA MET A 416 6.04 16.63 -0.99
C MET A 416 4.87 16.78 -1.97
N MET A 417 3.73 17.25 -1.46
CA MET A 417 2.55 17.44 -2.28
C MET A 417 2.61 18.73 -3.07
N LEU A 418 3.26 19.74 -2.53
CA LEU A 418 3.60 20.91 -3.32
C LEU A 418 4.61 20.52 -4.40
N ASN A 419 5.67 19.80 -4.03
CA ASN A 419 6.62 19.33 -5.03
C ASN A 419 5.97 18.47 -6.11
N LYS A 420 4.70 18.14 -5.98
CA LYS A 420 3.99 17.42 -7.02
C LYS A 420 3.17 18.33 -7.92
N GLY A 421 3.15 19.63 -7.67
CA GLY A 421 2.36 20.53 -8.45
C GLY A 421 1.04 20.91 -7.83
N ILE A 422 0.66 20.33 -6.70
CA ILE A 422 -0.57 20.75 -6.03
C ILE A 422 -0.28 22.02 -5.22
N PRO A 423 -1.21 22.97 -5.19
CA PRO A 423 -1.02 24.19 -4.42
C PRO A 423 -1.44 24.02 -2.97
N MET A 424 -0.92 24.90 -2.11
CA MET A 424 -1.25 24.83 -0.70
C MET A 424 -2.75 24.94 -0.43
N ARG A 425 -3.54 25.45 -1.37
CA ARG A 425 -4.98 25.60 -1.10
C ARG A 425 -5.68 24.26 -1.02
N GLU A 426 -5.10 23.22 -1.60
CA GLU A 426 -5.62 21.86 -1.54
C GLU A 426 -4.63 20.86 -0.98
N ALA A 427 -3.36 21.20 -0.84
CA ALA A 427 -2.35 20.22 -0.46
C ALA A 427 -2.26 20.03 1.04
N TYR A 428 -2.82 20.93 1.84
CA TYR A 428 -2.87 20.70 3.27
C TYR A 428 -3.56 19.38 3.61
N ASN A 429 -4.49 18.93 2.76
CA ASN A 429 -5.27 17.70 3.01
C ASN A 429 -4.54 16.41 2.69
N TRP A 430 -3.35 16.46 2.13
CA TRP A 430 -2.59 15.25 1.87
C TRP A 430 -2.87 14.23 2.96
N ASN A 431 -2.89 12.95 2.60
CA ASN A 431 -3.08 11.86 3.54
C ASN A 431 -2.18 10.69 3.16
N PRO A 432 -1.43 10.14 4.13
CA PRO A 432 -0.66 8.93 3.85
C PRO A 432 -1.50 7.94 3.08
N CYS A 433 -0.87 7.19 2.19
CA CYS A 433 -1.54 6.30 1.24
C CYS A 433 -0.80 4.97 1.20
N GLY A 434 -1.41 3.92 1.77
CA GLY A 434 -0.88 2.57 1.65
C GLY A 434 0.23 2.25 2.63
N CYS A 435 1.48 2.33 2.18
CA CYS A 435 2.64 2.17 3.06
C CYS A 435 3.06 3.52 3.66
N VAL A 436 3.55 4.41 2.80
CA VAL A 436 4.02 5.72 3.23
C VAL A 436 3.84 6.74 2.11
N GLU A 437 3.18 6.33 1.02
CA GLU A 437 2.99 7.20 -0.12
C GLU A 437 2.10 8.36 0.29
N THR A 438 1.96 9.32 -0.62
CA THR A 438 1.07 10.46 -0.48
C THR A 438 -0.07 10.42 -1.51
N ASN A 439 -1.27 10.83 -1.09
CA ASN A 439 -2.27 11.20 -2.10
C ASN A 439 -3.32 12.12 -1.45
N LEU A 440 -4.41 12.40 -2.20
CA LEU A 440 -5.31 13.51 -1.95
C LEU A 440 -6.75 13.15 -2.30
N ALA A 441 -7.66 13.33 -1.34
CA ALA A 441 -8.93 12.62 -1.40
C ALA A 441 -9.74 13.11 -2.60
N GLY A 442 -10.15 12.17 -3.45
CA GLY A 442 -11.02 12.51 -4.55
C GLY A 442 -10.37 13.22 -5.73
N LYS A 443 -9.04 13.44 -5.71
CA LYS A 443 -8.47 14.36 -6.71
C LYS A 443 -7.11 13.98 -7.31
N GLN A 444 -6.63 12.73 -7.19
CA GLN A 444 -5.29 12.42 -7.70
C GLN A 444 -5.24 11.00 -8.24
N ARG A 445 -5.08 10.85 -9.57
CA ARG A 445 -4.71 9.56 -10.16
C ARG A 445 -3.21 9.45 -10.23
N CYS A 446 -2.71 8.21 -10.15
CA CYS A 446 -1.34 8.03 -9.69
C CYS A 446 -1.04 6.64 -9.12
N TYR A 447 -0.23 5.83 -9.83
CA TYR A 447 0.34 4.59 -9.30
C TYR A 447 1.51 4.94 -8.38
N THR A 448 1.21 5.25 -7.13
CA THR A 448 2.20 5.73 -6.17
C THR A 448 3.36 4.76 -5.98
N SER A 449 3.29 3.59 -6.61
CA SER A 449 4.41 2.67 -6.59
C SER A 449 4.29 1.59 -7.68
N TYR A 450 4.45 2.01 -8.94
CA TYR A 450 4.30 1.09 -10.05
C TYR A 450 5.24 -0.11 -9.91
N ALA A 451 6.56 0.12 -9.90
CA ALA A 451 7.51 -0.98 -9.91
C ALA A 451 8.71 -0.72 -9.01
N ASP A 452 9.24 -1.80 -8.42
CA ASP A 452 10.46 -1.74 -7.61
C ASP A 452 11.69 -2.02 -8.46
N TYR A 453 12.84 -1.39 -8.11
CA TYR A 453 14.11 -1.67 -8.79
C TYR A 453 15.20 -1.98 -7.78
N ASN A 454 15.99 -3.00 -8.11
CA ASN A 454 16.88 -3.67 -7.16
C ASN A 454 18.28 -3.03 -7.20
N LEU A 455 18.56 -2.12 -6.25
CA LEU A 455 19.87 -1.45 -6.25
C LEU A 455 20.99 -2.42 -5.92
N GLY A 456 20.65 -3.56 -5.28
CA GLY A 456 21.67 -4.58 -5.07
C GLY A 456 22.15 -5.17 -6.37
N ALA A 457 21.21 -5.55 -7.24
CA ALA A 457 21.58 -6.04 -8.55
C ALA A 457 22.52 -5.07 -9.25
N ILE A 458 22.28 -3.77 -9.09
CA ILE A 458 23.04 -2.78 -9.85
C ILE A 458 24.49 -2.78 -9.41
N VAL A 459 24.72 -2.58 -8.11
CA VAL A 459 26.03 -2.79 -7.52
C VAL A 459 26.70 -4.04 -8.07
N GLU A 460 25.98 -5.16 -8.07
CA GLU A 460 26.50 -6.39 -8.66
C GLU A 460 26.77 -6.29 -10.15
N PHE A 461 26.19 -5.30 -10.85
CA PHE A 461 26.34 -5.14 -12.29
C PHE A 461 27.59 -4.37 -12.67
N VAL A 462 27.87 -3.30 -11.94
CA VAL A 462 29.05 -2.51 -12.24
C VAL A 462 30.29 -3.30 -11.89
N MET A 463 30.26 -4.07 -10.79
CA MET A 463 31.37 -4.96 -10.47
C MET A 463 31.44 -6.16 -11.40
N ASN A 464 30.45 -6.37 -12.25
CA ASN A 464 30.48 -7.51 -13.14
C ASN A 464 30.32 -7.04 -14.58
N ASN A 465 30.27 -5.73 -14.79
CA ASN A 465 30.19 -5.16 -16.13
C ASN A 465 28.93 -5.66 -16.83
N GLY A 466 27.80 -5.43 -16.19
CA GLY A 466 26.54 -5.75 -16.82
C GLY A 466 26.03 -7.15 -16.58
N LYS A 467 26.81 -8.18 -16.93
CA LYS A 467 26.37 -9.56 -16.81
C LYS A 467 25.86 -9.90 -15.41
N SER A 468 24.78 -10.69 -15.35
CA SER A 468 24.20 -11.13 -14.08
C SER A 468 25.00 -12.29 -13.51
N ARG A 469 25.46 -12.16 -12.25
CA ARG A 469 26.24 -13.24 -11.67
C ARG A 469 25.45 -14.56 -11.72
N LYS A 470 24.22 -14.55 -11.20
CA LYS A 470 23.51 -15.80 -10.97
C LYS A 470 23.03 -16.47 -12.27
N TYR A 471 22.38 -15.72 -13.17
CA TYR A 471 21.86 -16.29 -14.41
C TYR A 471 22.83 -16.16 -15.58
N ASN A 472 23.96 -15.48 -15.41
CA ASN A 472 25.05 -15.48 -16.38
C ASN A 472 24.66 -14.86 -17.72
N THR A 473 23.72 -13.92 -17.74
CA THR A 473 23.35 -13.27 -18.99
C THR A 473 23.78 -11.82 -18.95
N GLN A 474 23.97 -11.26 -20.15
CA GLN A 474 24.13 -9.83 -20.30
C GLN A 474 22.76 -9.19 -20.05
N ALA A 475 22.48 -8.94 -18.76
CA ALA A 475 21.32 -8.18 -18.34
C ALA A 475 21.48 -6.71 -18.70
N SER A 476 22.35 -6.01 -17.99
CA SER A 476 22.50 -4.58 -18.25
C SER A 476 23.44 -4.32 -19.40
N ILE A 477 23.51 -3.03 -19.73
CA ILE A 477 24.50 -2.42 -20.62
C ILE A 477 25.90 -2.80 -20.11
N ALA A 478 26.92 -2.62 -20.97
CA ALA A 478 28.30 -2.96 -20.60
C ALA A 478 29.05 -1.68 -20.23
N THR A 479 29.14 -1.40 -18.92
CA THR A 479 29.79 -0.20 -18.42
C THR A 479 31.30 -0.35 -18.35
N GLY A 480 31.83 -1.46 -18.88
CA GLY A 480 33.25 -1.74 -18.79
C GLY A 480 33.58 -2.50 -17.52
N ASP A 481 34.74 -3.35 -17.56
CA ASP A 481 34.87 -4.09 -16.31
C ASP A 481 35.61 -3.23 -15.30
N PRO A 482 35.35 -3.48 -14.01
CA PRO A 482 35.71 -2.49 -12.98
C PRO A 482 37.19 -2.26 -12.83
N CYS A 483 38.04 -3.08 -13.45
CA CYS A 483 39.48 -2.94 -13.32
C CYS A 483 40.11 -2.02 -14.36
N THR A 484 39.34 -1.16 -15.01
CA THR A 484 39.93 -0.11 -15.82
C THR A 484 39.42 1.25 -15.42
N PHE A 485 38.93 1.36 -14.18
CA PHE A 485 38.50 2.64 -13.65
C PHE A 485 39.72 3.24 -12.95
N GLU A 486 40.40 4.14 -13.66
CA GLU A 486 41.58 4.79 -13.11
C GLU A 486 41.28 5.50 -11.81
N THR A 487 40.20 6.28 -11.78
CA THR A 487 39.84 7.13 -10.65
C THR A 487 38.63 6.59 -9.92
N TYR A 488 38.13 7.35 -8.94
CA TYR A 488 36.84 7.01 -8.34
C TYR A 488 35.69 7.52 -9.20
N ASN A 489 35.87 8.65 -9.85
CA ASN A 489 34.79 9.15 -10.67
C ASN A 489 34.54 8.25 -11.88
N GLU A 490 35.60 7.73 -12.51
CA GLU A 490 35.35 6.72 -13.53
C GLU A 490 34.37 5.68 -12.98
N PHE A 491 34.47 5.41 -11.68
CA PHE A 491 33.63 4.41 -11.05
C PHE A 491 32.20 4.90 -10.95
N LEU A 492 31.96 5.86 -10.07
CA LEU A 492 30.68 6.56 -9.96
C LEU A 492 30.05 6.74 -11.34
N GLY A 493 30.84 7.13 -12.35
CA GLY A 493 30.29 7.26 -13.69
C GLY A 493 29.57 6.00 -14.15
N ALA A 494 30.24 4.84 -14.03
CA ALA A 494 29.63 3.57 -14.42
C ALA A 494 28.49 3.15 -13.50
N VAL A 495 28.51 3.57 -12.23
CA VAL A 495 27.37 3.27 -11.36
C VAL A 495 26.13 4.05 -11.76
N LYS A 496 26.31 5.26 -12.31
CA LYS A 496 25.17 6.02 -12.77
C LYS A 496 24.64 5.43 -14.06
N ASN A 497 25.51 5.26 -15.05
CA ASN A 497 25.17 4.59 -16.29
C ASN A 497 24.31 3.35 -16.09
N GLN A 498 24.59 2.58 -15.03
CA GLN A 498 23.86 1.35 -14.70
C GLN A 498 22.50 1.65 -14.10
N ILE A 499 22.41 2.65 -13.23
CA ILE A 499 21.10 3.17 -12.81
C ILE A 499 20.28 3.59 -14.03
N ARG A 500 20.92 4.33 -14.94
CA ARG A 500 20.21 4.88 -16.10
C ARG A 500 19.64 3.77 -16.99
N TYR A 501 20.35 2.67 -17.17
CA TYR A 501 19.83 1.64 -18.04
C TYR A 501 18.56 1.02 -17.45
N VAL A 502 18.57 0.76 -16.14
CA VAL A 502 17.43 0.07 -15.52
C VAL A 502 16.18 0.93 -15.57
N ILE A 503 16.27 2.18 -15.09
CA ILE A 503 15.07 3.03 -15.00
C ILE A 503 14.42 3.26 -16.36
N ARG A 504 15.20 3.52 -17.41
CA ARG A 504 14.67 3.54 -18.77
C ARG A 504 13.68 2.41 -18.98
N ALA A 505 14.17 1.16 -18.90
CA ALA A 505 13.31 0.00 -19.03
C ALA A 505 12.05 0.15 -18.18
N MET A 506 12.19 0.58 -16.93
CA MET A 506 11.00 0.78 -16.11
C MET A 506 10.08 1.83 -16.70
N VAL A 507 10.63 2.91 -17.26
CA VAL A 507 9.74 3.90 -17.85
C VAL A 507 9.02 3.31 -19.07
N ALA A 508 9.71 2.53 -19.88
CA ALA A 508 9.00 1.76 -20.91
C ALA A 508 7.85 0.97 -20.31
N GLY A 509 8.15 0.11 -19.33
CA GLY A 509 7.12 -0.75 -18.77
C GLY A 509 5.95 0.04 -18.21
N SER A 510 6.24 1.11 -17.45
CA SER A 510 5.18 1.98 -16.95
C SER A 510 4.34 2.49 -18.10
N HIS A 511 4.99 3.13 -19.07
CA HIS A 511 4.28 3.57 -20.27
C HIS A 511 3.47 2.47 -20.93
N VAL A 512 3.95 1.23 -20.93
CA VAL A 512 3.16 0.16 -21.55
C VAL A 512 1.92 -0.15 -20.72
N ASN A 513 2.06 -0.26 -19.39
CA ASN A 513 0.91 -0.63 -18.57
C ASN A 513 -0.04 0.55 -18.33
N ASP A 514 0.43 1.78 -18.47
CA ASP A 514 -0.49 2.91 -18.56
C ASP A 514 -1.44 2.73 -19.73
N ASP A 515 -0.91 2.32 -20.89
CA ASP A 515 -1.71 2.16 -22.09
C ASP A 515 -2.65 0.96 -21.98
N ILE A 516 -2.30 -0.03 -21.16
CA ILE A 516 -3.20 -1.15 -20.90
C ILE A 516 -4.27 -0.76 -19.90
N GLY A 517 -3.90 -0.16 -18.78
CA GLY A 517 -4.91 0.33 -17.85
C GLY A 517 -5.93 1.23 -18.52
N PHE A 518 -5.48 2.08 -19.44
CA PHE A 518 -6.31 3.01 -20.21
C PHE A 518 -7.56 2.37 -20.78
N GLU A 519 -7.43 1.89 -22.01
CA GLU A 519 -8.54 1.25 -22.72
C GLU A 519 -9.40 0.41 -21.78
N ARG A 520 -8.77 -0.46 -20.97
CA ARG A 520 -9.44 -1.67 -20.54
C ARG A 520 -9.77 -1.77 -19.04
N ILE A 521 -9.25 -0.90 -18.24
CA ILE A 521 -9.47 -1.01 -16.83
C ILE A 521 -10.26 0.11 -16.23
N CYS A 522 -11.49 0.31 -16.68
CA CYS A 522 -12.42 1.30 -16.20
C CYS A 522 -13.12 0.88 -14.98
N PRO A 523 -13.81 1.79 -14.28
CA PRO A 523 -14.62 1.94 -13.09
C PRO A 523 -16.03 2.60 -12.96
N ALA A 524 -16.18 2.93 -11.70
CA ALA A 524 -17.19 3.60 -10.98
C ALA A 524 -16.65 3.75 -9.56
N LEU A 525 -15.37 3.88 -9.42
CA LEU A 525 -14.71 4.35 -8.22
C LEU A 525 -14.75 5.83 -8.54
N SER A 526 -14.39 6.20 -9.76
CA SER A 526 -14.48 7.47 -10.34
C SER A 526 -15.76 8.10 -10.04
N LEU A 527 -16.81 7.38 -9.82
CA LEU A 527 -18.04 8.05 -9.38
C LEU A 527 -17.84 9.07 -8.27
N SER A 528 -16.75 9.00 -7.49
CA SER A 528 -16.61 9.90 -6.37
C SER A 528 -15.56 10.98 -6.60
N PHE A 529 -15.15 11.18 -7.87
CA PHE A 529 -14.26 12.27 -8.28
C PHE A 529 -15.11 13.26 -9.07
N LYS A 530 -15.31 14.47 -8.51
CA LYS A 530 -16.16 15.48 -9.15
C LYS A 530 -15.76 15.73 -10.61
N GLU A 531 -14.46 15.73 -10.89
CA GLU A 531 -14.02 16.06 -12.23
C GLU A 531 -14.37 14.92 -13.20
N CYS A 532 -14.06 13.68 -12.82
CA CYS A 532 -14.45 12.53 -13.63
C CYS A 532 -15.90 12.59 -14.09
N ILE A 533 -16.77 13.20 -13.29
CA ILE A 533 -18.17 13.32 -13.66
C ILE A 533 -18.39 14.41 -14.70
N SER A 534 -17.88 15.63 -14.47
CA SER A 534 -18.06 16.70 -15.44
C SER A 534 -17.21 16.51 -16.69
N SER A 535 -16.08 15.81 -16.59
CA SER A 535 -15.33 15.41 -17.77
C SER A 535 -16.07 14.37 -18.58
N ALA A 536 -16.85 13.49 -17.93
CA ALA A 536 -17.37 12.30 -18.61
C ALA A 536 -16.20 11.38 -18.99
N LYS A 537 -15.30 11.20 -18.04
CA LYS A 537 -13.99 10.63 -18.29
C LYS A 537 -13.54 9.93 -17.03
N ASP A 538 -12.94 8.77 -17.18
CA ASP A 538 -12.76 7.89 -16.04
C ASP A 538 -11.42 8.13 -15.31
N TYR A 539 -11.32 7.63 -14.08
CA TYR A 539 -10.02 7.65 -13.41
C TYR A 539 -8.95 7.09 -14.35
N ALA A 540 -9.25 5.95 -14.97
CA ALA A 540 -8.25 5.23 -15.75
C ALA A 540 -7.77 6.05 -16.92
N TRP A 541 -8.69 6.78 -17.57
CA TRP A 541 -8.40 7.54 -18.79
C TRP A 541 -7.75 8.88 -18.51
N GLY A 542 -8.24 9.64 -17.54
CA GLY A 542 -7.68 10.95 -17.24
C GLY A 542 -8.44 11.53 -16.06
N GLY A 543 -9.49 12.31 -16.37
CA GLY A 543 -10.61 12.49 -15.46
C GLY A 543 -10.35 13.02 -14.06
N ALA A 544 -9.40 12.43 -13.35
CA ALA A 544 -8.94 12.94 -12.07
C ALA A 544 -8.52 14.40 -12.19
N LYS A 545 -8.56 15.15 -11.09
CA LYS A 545 -8.15 16.54 -11.21
C LYS A 545 -6.70 16.60 -11.63
N TYR A 546 -5.81 16.17 -10.74
CA TYR A 546 -4.37 16.20 -10.96
C TYR A 546 -3.86 14.80 -11.33
N ASN A 547 -3.52 14.61 -12.60
CA ASN A 547 -2.89 13.37 -13.04
C ASN A 547 -1.39 13.45 -12.83
N ILE A 548 -0.83 12.49 -12.08
CA ILE A 548 0.58 12.44 -11.69
C ILE A 548 1.22 11.20 -12.30
N GLY A 549 2.44 11.36 -12.81
CA GLY A 549 3.15 10.21 -13.33
C GLY A 549 3.37 9.15 -12.26
N ASN A 550 3.46 7.89 -12.72
CA ASN A 550 3.66 6.76 -11.82
C ASN A 550 4.99 6.92 -11.10
N GLY A 551 5.10 6.25 -9.97
CA GLY A 551 6.28 6.37 -9.14
C GLY A 551 7.10 5.10 -9.17
N LEU A 552 8.39 5.24 -8.94
CA LEU A 552 9.32 4.12 -9.03
C LEU A 552 10.05 4.02 -7.70
N ASP A 553 9.71 3.02 -6.90
CA ASP A 553 10.35 2.85 -5.61
C ASP A 553 11.69 2.13 -5.73
N ALA A 554 12.73 2.73 -5.14
CA ALA A 554 14.03 2.09 -5.00
C ALA A 554 14.09 1.25 -3.73
N ILE A 555 14.81 0.12 -3.79
CA ILE A 555 15.10 -0.65 -2.56
C ILE A 555 16.50 -1.25 -2.60
N GLY A 556 17.25 -0.99 -1.53
CA GLY A 556 18.68 -1.23 -1.46
C GLY A 556 19.45 0.04 -1.16
N VAL A 557 18.81 0.98 -0.48
CA VAL A 557 19.50 2.24 -0.19
C VAL A 557 20.76 1.90 0.56
N ALA A 558 20.59 1.40 1.78
CA ALA A 558 21.71 1.05 2.65
C ALA A 558 22.79 0.33 1.85
N ASP A 559 22.40 -0.48 0.87
CA ASP A 559 23.39 -1.30 0.19
C ASP A 559 24.10 -0.56 -0.95
N LEU A 560 23.45 0.42 -1.58
CA LEU A 560 24.20 1.30 -2.51
C LEU A 560 25.27 2.08 -1.78
N VAL A 561 24.85 2.84 -0.78
CA VAL A 561 25.76 3.73 -0.11
C VAL A 561 26.96 2.94 0.39
N ASN A 562 26.69 1.87 1.14
CA ASN A 562 27.75 1.11 1.78
C ASN A 562 28.66 0.44 0.76
N SER A 563 28.10 -0.02 -0.36
CA SER A 563 28.91 -0.67 -1.39
C SER A 563 29.75 0.34 -2.15
N VAL A 564 29.18 1.50 -2.48
CA VAL A 564 29.93 2.47 -3.28
C VAL A 564 31.01 3.10 -2.43
N TYR A 565 30.67 3.54 -1.22
CA TYR A 565 31.67 4.15 -0.35
C TYR A 565 32.76 3.15 0.03
N ALA A 566 32.41 1.86 0.11
CA ALA A 566 33.43 0.84 0.34
C ALA A 566 34.44 0.83 -0.78
N VAL A 567 34.04 1.22 -1.99
CA VAL A 567 35.02 1.24 -3.08
C VAL A 567 35.79 2.54 -3.08
N LYS A 568 35.15 3.67 -2.73
CA LYS A 568 35.90 4.92 -2.67
C LYS A 568 37.03 4.81 -1.65
N TYR A 569 36.72 4.31 -0.45
CA TYR A 569 37.67 4.13 0.65
C TYR A 569 38.82 3.21 0.24
N LEU A 570 38.52 1.92 0.07
CA LEU A 570 39.60 0.94 -0.01
C LEU A 570 40.33 0.93 -1.34
N VAL A 571 39.86 1.64 -2.36
CA VAL A 571 40.39 1.48 -3.70
C VAL A 571 40.98 2.77 -4.26
N TYR A 572 40.38 3.91 -3.97
CA TYR A 572 40.69 5.13 -4.70
C TYR A 572 41.40 6.21 -3.90
N ASP A 573 41.57 6.03 -2.59
CA ASP A 573 42.27 7.05 -1.83
C ASP A 573 42.77 6.53 -0.49
N LYS A 574 42.37 5.32 -0.11
CA LYS A 574 43.10 4.60 0.93
C LYS A 574 43.93 3.46 0.36
N LYS A 575 43.81 3.19 -0.93
CA LYS A 575 44.61 2.21 -1.66
C LYS A 575 45.15 1.10 -0.78
N LEU A 576 44.24 0.35 -0.16
CA LEU A 576 44.54 -0.82 0.63
C LEU A 576 44.38 -2.09 -0.20
N ILE A 577 43.31 -2.17 -0.98
CA ILE A 577 43.04 -3.29 -1.86
C ILE A 577 42.96 -2.76 -3.29
N SER A 578 43.49 -3.55 -4.22
CA SER A 578 43.23 -3.31 -5.62
C SER A 578 41.90 -3.93 -5.97
N MET A 579 41.21 -3.33 -6.93
CA MET A 579 39.94 -3.91 -7.34
C MET A 579 40.12 -5.37 -7.70
N GLU A 580 41.06 -5.65 -8.61
CA GLU A 580 41.53 -6.98 -8.98
C GLU A 580 41.07 -8.07 -8.03
N LYS A 581 41.35 -7.85 -6.75
CA LYS A 581 41.17 -8.78 -5.63
C LYS A 581 39.78 -8.71 -5.01
N LEU A 582 39.24 -7.50 -4.90
CA LEU A 582 37.86 -7.30 -4.45
C LEU A 582 36.91 -8.15 -5.29
N VAL A 583 36.92 -7.94 -6.61
CA VAL A 583 36.17 -8.82 -7.51
C VAL A 583 36.34 -10.27 -7.09
N LYS A 584 37.59 -10.72 -6.94
CA LYS A 584 37.82 -12.09 -6.52
C LYS A 584 37.08 -12.40 -5.22
N ALA A 585 37.14 -11.48 -4.25
CA ALA A 585 36.57 -11.74 -2.93
C ALA A 585 35.06 -11.99 -3.01
N ILE A 586 34.32 -11.08 -3.66
CA ILE A 586 32.86 -11.17 -3.64
C ILE A 586 32.35 -12.27 -4.58
N SER A 587 33.04 -12.50 -5.70
CA SER A 587 32.66 -13.61 -6.57
C SER A 587 32.52 -14.89 -5.77
N ASN A 588 33.43 -15.10 -4.81
CA ASN A 588 33.45 -16.31 -4.03
C ASN A 588 32.77 -16.19 -2.68
N ASP A 589 31.99 -15.14 -2.45
CA ASP A 589 31.20 -15.05 -1.23
C ASP A 589 32.11 -14.91 0.00
N PHE A 590 33.39 -14.60 -0.20
CA PHE A 590 34.39 -14.52 0.86
C PHE A 590 34.70 -15.88 1.48
N GLU A 591 34.61 -16.95 0.70
CA GLU A 591 34.94 -18.29 1.17
C GLU A 591 36.37 -18.31 1.70
N GLY A 592 37.35 -18.12 0.81
CA GLY A 592 38.71 -17.99 1.30
C GLY A 592 39.03 -16.60 1.83
N TYR A 593 38.37 -15.59 1.28
CA TYR A 593 38.82 -14.21 1.31
C TYR A 593 38.26 -13.42 2.49
N GLU A 594 37.96 -14.10 3.61
CA GLU A 594 37.20 -13.58 4.76
C GLU A 594 37.98 -12.58 5.65
N GLU A 595 39.14 -12.12 5.16
CA GLU A 595 39.83 -10.96 5.70
C GLU A 595 39.32 -9.68 5.08
N ILE A 596 38.88 -9.75 3.81
CA ILE A 596 38.31 -8.60 3.11
C ILE A 596 36.93 -8.28 3.68
N GLN A 597 36.04 -9.27 3.67
CA GLN A 597 34.72 -9.12 4.27
C GLN A 597 34.82 -8.38 5.60
N LYS A 598 36.00 -8.42 6.24
CA LYS A 598 36.21 -7.83 7.56
C LYS A 598 36.52 -6.34 7.50
N MET A 599 37.47 -5.94 6.66
CA MET A 599 37.74 -4.51 6.55
C MET A 599 36.60 -3.74 5.90
N CYS A 600 35.66 -4.43 5.24
CA CYS A 600 34.48 -3.74 4.70
C CYS A 600 33.52 -3.35 5.81
N LEU A 601 33.12 -4.32 6.61
CA LEU A 601 32.31 -4.04 7.77
C LEU A 601 33.12 -3.23 8.90
N ASP A 602 34.33 -2.79 8.53
CA ASP A 602 35.17 -1.88 9.31
C ASP A 602 35.03 -0.45 8.84
N VAL A 603 34.88 -0.26 7.53
CA VAL A 603 34.64 1.02 6.87
C VAL A 603 33.41 1.68 7.48
N PRO A 604 33.32 3.01 7.50
CA PRO A 604 32.09 3.64 7.97
C PRO A 604 30.89 3.02 7.27
N LYS A 605 29.78 2.91 8.00
CA LYS A 605 28.53 2.40 7.44
C LYS A 605 27.46 3.48 7.47
N TYR A 606 26.57 3.41 6.48
CA TYR A 606 25.38 4.26 6.45
C TYR A 606 24.54 3.99 7.69
N GLY A 607 24.35 5.03 8.50
CA GLY A 607 23.57 4.94 9.73
C GLY A 607 24.31 5.38 10.97
N ASN A 608 25.63 5.16 11.02
CA ASN A 608 26.40 5.67 12.15
C ASN A 608 26.73 7.15 12.01
N ASP A 609 26.49 7.74 10.83
CA ASP A 609 26.50 9.18 10.67
C ASP A 609 27.91 9.73 10.51
N ASP A 610 28.60 9.31 9.45
CA ASP A 610 29.90 9.85 9.10
C ASP A 610 29.75 10.74 7.88
N GLU A 611 30.19 11.99 8.02
CA GLU A 611 29.97 13.01 6.98
C GLU A 611 30.29 12.48 5.59
N GLU A 612 31.49 11.90 5.41
CA GLU A 612 31.84 11.30 4.12
C GLU A 612 30.72 10.41 3.58
N VAL A 613 29.98 9.74 4.45
CA VAL A 613 28.89 8.90 3.99
C VAL A 613 27.65 9.74 3.70
N ASN A 614 27.22 10.55 4.65
CA ASN A 614 26.01 11.34 4.45
C ASN A 614 26.07 12.15 3.16
N GLU A 615 27.22 12.74 2.89
CA GLU A 615 27.47 13.41 1.62
C GLU A 615 27.17 12.53 0.41
N LEU A 616 27.93 11.45 0.22
CA LEU A 616 27.62 10.54 -0.87
C LEU A 616 26.15 10.15 -0.87
N THR A 617 25.58 9.89 0.32
CA THR A 617 24.16 9.56 0.38
C THR A 617 23.32 10.66 -0.27
N ALA A 618 23.69 11.93 -0.08
CA ALA A 618 22.97 13.01 -0.73
C ALA A 618 23.25 13.03 -2.22
N ASP A 619 24.52 12.95 -2.63
CA ASP A 619 24.82 13.04 -4.05
C ASP A 619 23.99 12.04 -4.85
N LEU A 620 24.20 10.76 -4.59
CA LEU A 620 23.53 9.68 -5.30
C LEU A 620 22.06 9.96 -5.51
N PHE A 621 21.32 10.21 -4.42
CA PHE A 621 19.86 10.25 -4.48
C PHE A 621 19.31 11.56 -5.04
N THR A 622 20.01 12.67 -4.89
CA THR A 622 19.62 13.83 -5.69
C THR A 622 19.80 13.52 -7.16
N PHE A 623 20.78 12.70 -7.49
CA PHE A 623 20.92 12.25 -8.85
C PHE A 623 19.79 11.31 -9.25
N ILE A 624 19.45 10.35 -8.39
CA ILE A 624 18.38 9.42 -8.72
C ILE A 624 17.07 10.17 -8.89
N ALA A 625 16.91 11.30 -8.21
CA ALA A 625 15.67 12.06 -8.37
C ALA A 625 15.69 12.83 -9.69
N ASP A 626 16.70 13.66 -9.91
CA ASP A 626 16.83 14.32 -11.19
C ASP A 626 16.63 13.32 -12.31
N LEU A 627 17.16 12.12 -12.12
CA LEU A 627 17.10 11.11 -13.17
C LEU A 627 15.67 10.75 -13.54
N ILE A 628 14.80 10.53 -12.55
CA ILE A 628 13.45 10.09 -12.86
C ILE A 628 12.59 11.23 -13.39
N GLU A 629 12.51 12.32 -12.65
CA GLU A 629 11.79 13.49 -13.14
C GLU A 629 12.20 13.90 -14.57
N SER A 630 13.22 13.26 -15.17
CA SER A 630 13.49 13.46 -16.59
C SER A 630 12.32 13.02 -17.43
N PHE A 631 11.74 11.88 -17.07
CA PHE A 631 10.86 11.09 -17.93
C PHE A 631 9.41 11.47 -17.72
N SER A 632 8.61 11.34 -18.78
CA SER A 632 7.22 11.75 -18.79
C SER A 632 6.41 10.69 -19.53
N GLY A 633 5.27 10.32 -18.94
CA GLY A 633 4.22 9.59 -19.63
C GLY A 633 3.03 10.47 -19.99
N LYS A 634 1.92 9.82 -20.31
CA LYS A 634 0.74 10.56 -20.72
C LYS A 634 0.13 11.36 -19.58
N PHE A 635 0.56 11.13 -18.33
CA PHE A 635 -0.09 11.75 -17.18
C PHE A 635 0.89 12.55 -16.32
N GLY A 636 1.87 13.19 -16.95
CA GLY A 636 2.85 13.96 -16.21
C GLY A 636 4.17 13.22 -16.04
N HIS A 637 5.11 13.90 -15.38
CA HIS A 637 6.43 13.32 -15.23
C HIS A 637 6.44 12.32 -14.08
N MET A 638 7.33 11.35 -14.18
CA MET A 638 7.46 10.29 -13.21
C MET A 638 7.81 10.86 -11.84
N THR A 639 7.68 10.00 -10.83
CA THR A 639 7.95 10.30 -9.43
C THR A 639 8.70 9.12 -8.84
N ALA A 640 9.30 9.31 -7.67
CA ALA A 640 10.02 8.21 -7.08
C ALA A 640 9.77 8.16 -5.58
N GLY A 641 10.17 7.04 -4.98
CA GLY A 641 10.05 6.80 -3.56
C GLY A 641 11.06 5.76 -3.15
N ILE A 642 11.06 5.47 -1.85
CA ILE A 642 11.90 4.43 -1.25
C ILE A 642 11.03 3.62 -0.30
N LEU A 643 10.50 2.48 -0.77
CA LEU A 643 9.69 1.63 0.10
C LEU A 643 9.75 0.22 -0.46
N PRO A 644 9.89 -0.79 0.39
CA PRO A 644 10.16 -2.15 -0.09
C PRO A 644 8.93 -3.03 -0.10
N VAL A 645 7.98 -2.71 0.79
CA VAL A 645 6.85 -3.60 1.10
C VAL A 645 7.47 -4.82 1.77
N SER A 646 7.82 -5.79 0.96
CA SER A 646 8.53 -6.95 1.49
C SER A 646 9.52 -7.51 0.48
N GLY A 647 9.83 -6.77 -0.60
CA GLY A 647 10.70 -7.25 -1.65
C GLY A 647 12.16 -7.20 -1.34
N ASN A 648 12.53 -6.48 -0.27
CA ASN A 648 13.93 -6.47 0.18
C ASN A 648 14.44 -7.89 0.45
N THR A 649 13.57 -8.79 0.91
CA THR A 649 14.01 -10.17 1.14
C THR A 649 14.20 -10.90 -0.19
N PRO A 650 13.16 -11.15 -1.00
CA PRO A 650 13.37 -11.91 -2.25
C PRO A 650 14.25 -11.24 -3.30
N PHE A 651 14.28 -9.89 -3.38
CA PHE A 651 15.38 -9.21 -4.11
C PHE A 651 16.75 -9.60 -3.58
N GLY A 652 16.87 -9.79 -2.26
CA GLY A 652 18.15 -10.20 -1.70
C GLY A 652 18.68 -11.48 -2.33
N LEU A 653 17.77 -12.43 -2.64
CA LEU A 653 18.11 -13.77 -3.12
C LEU A 653 18.71 -13.78 -4.50
N GLU A 654 18.68 -12.67 -5.23
CA GLU A 654 19.20 -12.67 -6.58
C GLU A 654 20.49 -11.87 -6.73
N VAL A 655 20.94 -11.18 -5.67
CA VAL A 655 22.16 -10.38 -5.70
C VAL A 655 23.31 -11.21 -5.15
N GLY A 656 24.48 -11.11 -5.79
CA GLY A 656 25.67 -11.80 -5.30
C GLY A 656 26.20 -11.27 -3.98
N ALA A 657 27.49 -11.43 -3.72
CA ALA A 657 28.08 -10.70 -2.60
C ALA A 657 28.60 -9.36 -3.11
N LEU A 658 28.75 -8.41 -2.19
CA LEU A 658 28.93 -7.01 -2.55
C LEU A 658 30.03 -6.36 -1.73
N PRO A 659 30.64 -5.28 -2.25
CA PRO A 659 31.71 -4.57 -1.52
C PRO A 659 31.27 -3.96 -0.21
N SER A 660 30.04 -4.20 0.21
CA SER A 660 29.57 -3.73 1.50
C SER A 660 29.87 -4.70 2.63
N GLY A 661 30.45 -5.86 2.31
CA GLY A 661 30.62 -6.92 3.30
C GLY A 661 29.40 -7.81 3.48
N ARG A 662 28.57 -7.92 2.46
CA ARG A 662 27.30 -8.64 2.57
C ARG A 662 27.46 -9.98 1.91
N ASN A 663 27.10 -11.03 2.62
CA ASN A 663 27.14 -12.36 2.03
C ASN A 663 26.14 -12.42 0.89
N ALA A 664 26.34 -13.40 0.01
CA ALA A 664 25.46 -13.57 -1.15
C ALA A 664 24.11 -14.15 -0.74
N PHE A 665 23.06 -13.63 -1.36
CA PHE A 665 21.71 -14.19 -1.24
C PHE A 665 21.04 -13.86 0.10
N VAL A 666 21.56 -12.89 0.83
CA VAL A 666 20.92 -12.35 2.04
C VAL A 666 19.89 -11.29 1.64
N PRO A 667 18.94 -10.95 2.51
CA PRO A 667 18.09 -9.78 2.24
C PRO A 667 18.91 -8.52 1.98
N LEU A 668 18.32 -7.63 1.18
CA LEU A 668 18.82 -6.27 1.03
C LEU A 668 18.28 -5.42 2.17
N ALA A 669 18.83 -4.22 2.35
CA ALA A 669 18.31 -3.35 3.39
C ALA A 669 16.82 -3.08 3.14
N ASP A 670 16.13 -2.50 4.14
CA ASP A 670 14.70 -2.23 4.04
C ASP A 670 14.45 -0.72 4.01
N GLY A 671 14.08 -0.18 2.84
CA GLY A 671 13.79 1.25 2.87
C GLY A 671 15.05 2.04 3.14
N VAL A 672 14.90 3.20 3.78
CA VAL A 672 16.05 4.01 4.19
C VAL A 672 16.61 3.57 5.53
N SER A 673 16.42 2.31 5.91
CA SER A 673 17.10 1.95 7.14
C SER A 673 18.40 1.22 6.81
N PRO A 674 19.28 1.13 7.80
CA PRO A 674 20.59 0.50 7.59
C PRO A 674 20.49 -1.02 7.48
N THR A 675 21.62 -1.62 7.12
CA THR A 675 21.66 -3.06 7.04
C THR A 675 21.82 -3.61 8.44
N ALA A 676 21.14 -4.72 8.70
CA ALA A 676 21.09 -5.27 10.06
C ALA A 676 22.50 -5.61 10.58
N GLY A 677 22.93 -4.90 11.63
CA GLY A 677 24.22 -5.12 12.23
C GLY A 677 25.26 -4.06 11.95
N THR A 678 24.88 -2.93 11.34
CA THR A 678 25.81 -1.87 10.99
C THR A 678 25.59 -0.57 11.76
N ASP A 679 24.51 -0.46 12.52
CA ASP A 679 24.16 0.72 13.32
C ASP A 679 24.68 0.59 14.75
N ILE A 680 25.99 0.43 14.88
CA ILE A 680 26.59 0.30 16.21
C ILE A 680 26.68 1.65 16.93
N GLU A 681 26.64 2.76 16.21
CA GLU A 681 26.33 4.04 16.82
C GLU A 681 24.86 4.05 17.28
N GLY A 682 24.32 5.24 17.53
CA GLY A 682 23.10 5.35 18.31
C GLY A 682 21.80 5.07 17.57
N MET A 683 20.71 5.45 18.22
CA MET A 683 19.41 5.61 17.58
C MET A 683 19.15 7.05 17.17
N GLY A 684 19.81 8.02 17.82
CA GLY A 684 19.78 9.39 17.34
C GLY A 684 20.69 9.66 16.16
N ALA A 685 21.67 8.78 15.92
CA ALA A 685 22.47 8.82 14.71
C ALA A 685 21.91 7.93 13.63
N ILE A 686 20.93 7.08 13.94
CA ILE A 686 20.14 6.47 12.89
C ILE A 686 19.31 7.53 12.17
N ILE A 687 18.64 8.39 12.92
CA ILE A 687 17.92 9.49 12.30
C ILE A 687 18.88 10.33 11.46
N LYS A 688 19.97 10.80 12.07
CA LYS A 688 20.81 11.80 11.44
C LYS A 688 21.39 11.32 10.10
N SER A 689 21.75 10.03 9.99
CA SER A 689 22.24 9.52 8.71
C SER A 689 21.18 9.59 7.62
N VAL A 690 19.90 9.44 8.01
CA VAL A 690 18.79 9.40 7.07
C VAL A 690 18.19 10.78 6.80
N SER A 691 18.52 11.79 7.59
CA SER A 691 18.14 13.14 7.26
C SER A 691 18.71 13.59 5.93
N HIS A 692 19.87 13.04 5.52
CA HIS A 692 20.59 13.47 4.32
C HIS A 692 20.00 12.88 3.05
N ILE A 693 19.13 11.89 3.18
CA ILE A 693 18.22 11.50 2.12
C ILE A 693 17.34 12.71 1.74
N PRO A 694 17.31 13.13 0.46
CA PRO A 694 16.47 14.29 0.11
C PRO A 694 14.99 13.91 -0.01
N HIS A 695 14.22 14.13 1.06
CA HIS A 695 12.89 13.53 1.14
C HIS A 695 11.92 14.15 0.13
N ILE A 696 11.81 15.48 0.11
CA ILE A 696 10.86 16.14 -0.78
C ILE A 696 11.13 15.91 -2.27
N ARG A 697 12.29 15.36 -2.65
CA ARG A 697 12.49 14.97 -4.03
C ARG A 697 11.84 13.63 -4.33
N PHE A 698 11.78 12.77 -3.32
CA PHE A 698 11.07 11.50 -3.42
C PHE A 698 9.65 11.75 -2.90
N ASN A 699 8.83 12.37 -3.74
CA ASN A 699 7.52 12.86 -3.30
C ASN A 699 6.48 11.77 -3.09
N GLN A 700 6.82 10.50 -3.37
CA GLN A 700 5.95 9.34 -3.17
C GLN A 700 6.37 8.50 -1.96
N GLY A 701 7.19 9.04 -1.08
CA GLY A 701 7.24 8.35 0.19
C GLY A 701 8.64 7.85 0.55
N THR A 702 8.86 7.75 1.86
CA THR A 702 10.08 7.28 2.48
C THR A 702 9.73 6.47 3.73
N LEU A 703 10.53 5.44 4.00
CA LEU A 703 10.19 4.40 4.97
C LEU A 703 11.34 4.15 5.93
N LEU A 704 11.07 4.22 7.25
CA LEU A 704 12.07 3.93 8.26
C LEU A 704 11.59 2.85 9.23
N ASN A 705 12.45 1.85 9.49
CA ASN A 705 12.17 0.74 10.37
C ASN A 705 13.06 0.81 11.61
N LEU A 706 12.47 0.60 12.80
CA LEU A 706 13.24 0.57 14.05
C LEU A 706 12.63 -0.41 15.04
N LYS A 707 13.46 -1.25 15.66
CA LYS A 707 13.04 -2.41 16.46
C LYS A 707 13.43 -2.20 17.91
N LEU A 708 12.52 -1.67 18.71
CA LEU A 708 12.76 -1.42 20.12
C LEU A 708 12.59 -2.68 20.95
N ASP A 709 13.40 -2.79 22.03
CA ASP A 709 13.27 -3.91 22.95
C ASP A 709 12.25 -3.60 24.04
N PRO A 710 11.42 -4.56 24.45
CA PRO A 710 10.25 -4.21 25.28
C PRO A 710 10.59 -3.83 26.71
N VAL A 711 11.84 -4.03 27.14
CA VAL A 711 12.26 -3.65 28.48
C VAL A 711 12.34 -2.13 28.59
N PHE A 712 11.81 -1.44 27.60
CA PHE A 712 11.86 0.01 27.53
C PHE A 712 10.64 0.63 28.22
N ASN A 713 9.48 -0.01 28.11
CA ASN A 713 8.23 0.48 28.69
C ASN A 713 8.28 0.47 30.21
N GLN A 714 9.48 0.54 30.77
CA GLN A 714 9.58 0.38 32.21
C GLN A 714 9.56 1.74 32.91
N ASN A 715 10.66 2.50 32.86
CA ASN A 715 10.67 3.73 33.64
C ASN A 715 9.54 4.66 33.22
N ALA A 716 9.09 5.48 34.17
CA ALA A 716 7.99 6.41 33.97
C ALA A 716 8.45 7.61 33.13
N ASN A 717 9.39 7.37 32.22
CA ASN A 717 9.80 8.36 31.21
C ASN A 717 9.84 7.78 29.81
N SER A 718 9.96 6.47 29.65
CA SER A 718 9.84 5.85 28.35
C SER A 718 8.80 6.57 27.50
N THR A 719 7.70 7.06 28.11
CA THR A 719 6.73 7.83 27.33
C THR A 719 7.23 9.23 27.04
N GLU A 720 7.51 10.02 28.07
CA GLU A 720 8.11 11.33 27.87
C GLU A 720 9.27 11.30 26.88
N SER A 721 10.05 10.21 26.89
CA SER A 721 11.31 10.15 26.16
C SER A 721 11.13 9.69 24.72
N LEU A 722 10.18 8.79 24.47
CA LEU A 722 9.88 8.44 23.09
C LEU A 722 9.34 9.64 22.35
N MET A 723 8.40 10.38 22.96
CA MET A 723 7.90 11.62 22.38
C MET A 723 9.03 12.52 21.90
N ALA A 724 9.93 12.94 22.80
CA ALA A 724 10.95 13.90 22.41
C ALA A 724 11.74 13.42 21.21
N PHE A 725 11.91 12.10 21.08
CA PHE A 725 12.61 11.55 19.93
C PHE A 725 11.81 11.74 18.66
N LEU A 726 10.48 11.60 18.73
CA LEU A 726 9.66 11.94 17.59
C LEU A 726 9.92 13.36 17.14
N LYS A 727 10.08 14.29 18.08
CA LYS A 727 10.39 15.65 17.69
C LYS A 727 11.79 15.80 17.05
N SER A 728 12.79 15.00 17.45
CA SER A 728 14.06 15.02 16.71
C SER A 728 13.79 14.74 15.25
N MET A 729 13.17 13.60 14.98
CA MET A 729 12.77 13.23 13.64
C MET A 729 12.20 14.43 12.90
N CYS A 730 11.15 15.04 13.45
CA CYS A 730 10.48 16.11 12.72
C CYS A 730 11.41 17.31 12.55
N SER A 731 12.15 17.64 13.61
CA SER A 731 13.01 18.82 13.58
C SER A 731 14.16 18.63 12.62
N LEU A 732 14.56 17.40 12.32
CA LEU A 732 15.60 17.12 11.34
C LEU A 732 15.08 17.13 9.89
N GLY A 733 13.77 17.21 9.68
CA GLY A 733 13.24 17.14 8.33
C GLY A 733 13.08 15.75 7.77
N VAL A 734 13.11 14.72 8.62
CA VAL A 734 12.86 13.35 8.21
C VAL A 734 11.35 13.14 8.04
N PHE A 735 10.98 12.22 7.15
CA PHE A 735 9.58 12.07 6.77
C PHE A 735 8.82 11.08 7.66
N HIS A 736 9.40 9.93 7.98
CA HIS A 736 8.58 8.87 8.53
C HIS A 736 9.41 7.91 9.38
N VAL A 737 8.82 7.49 10.52
CA VAL A 737 9.38 6.45 11.37
C VAL A 737 8.24 5.68 12.06
N GLN A 738 8.48 4.38 12.28
CA GLN A 738 7.52 3.44 12.86
C GLN A 738 8.28 2.36 13.62
N PHE A 739 7.62 1.71 14.59
CA PHE A 739 8.31 0.87 15.58
C PHE A 739 7.64 -0.46 15.84
N ASN A 740 8.47 -1.49 16.04
CA ASN A 740 8.15 -2.73 16.73
C ASN A 740 8.64 -2.64 18.17
N VAL A 741 8.00 -3.43 19.07
CA VAL A 741 8.28 -3.40 20.50
C VAL A 741 8.08 -4.77 21.12
N ILE A 742 9.06 -5.67 20.98
CA ILE A 742 8.74 -7.09 21.05
C ILE A 742 9.94 -7.87 21.58
N ASP A 743 9.68 -8.83 22.48
CA ASP A 743 10.63 -9.90 22.79
C ASP A 743 10.95 -10.67 21.52
N LYS A 744 12.24 -10.82 21.21
CA LYS A 744 12.62 -11.83 20.23
C LYS A 744 12.12 -13.18 20.69
N GLU A 745 12.09 -13.38 22.02
CA GLU A 745 11.64 -14.64 22.61
C GLU A 745 10.32 -15.10 22.01
N VAL A 746 9.42 -14.15 21.76
CA VAL A 746 8.08 -14.50 21.30
C VAL A 746 8.11 -14.96 19.86
N LEU A 747 8.77 -14.19 18.99
CA LEU A 747 8.87 -14.52 17.56
C LEU A 747 9.48 -15.90 17.37
N LEU A 748 10.56 -16.18 18.09
CA LEU A 748 11.26 -17.44 17.91
C LEU A 748 10.37 -18.63 18.27
N ASP A 749 9.70 -18.56 19.42
CA ASP A 749 8.75 -19.61 19.74
C ASP A 749 7.67 -19.73 18.68
N ALA A 750 7.21 -18.61 18.11
CA ALA A 750 6.02 -18.65 17.25
C ALA A 750 6.28 -19.37 15.92
N GLN A 751 7.51 -19.32 15.41
CA GLN A 751 7.82 -20.18 14.26
C GLN A 751 7.78 -21.65 14.66
N LYS A 752 8.06 -21.96 15.93
CA LYS A 752 7.96 -23.33 16.43
C LYS A 752 6.49 -23.77 16.51
N HIS A 753 5.68 -23.06 17.30
CA HIS A 753 4.27 -23.41 17.49
C HIS A 753 3.40 -22.28 16.98
N PRO A 754 3.11 -22.25 15.67
CA PRO A 754 2.36 -21.10 15.09
C PRO A 754 0.99 -20.84 15.75
N GLU A 755 0.44 -21.80 16.49
CA GLU A 755 -0.98 -21.83 16.86
C GLU A 755 -1.31 -21.01 18.09
N ASN A 756 -0.52 -21.13 19.16
CA ASN A 756 -0.83 -20.37 20.36
C ASN A 756 -0.26 -18.96 20.25
N TYR A 757 -0.09 -18.48 19.00
CA TYR A 757 0.31 -17.09 18.76
C TYR A 757 -0.52 -16.46 17.62
N LYS A 758 -1.80 -16.84 17.50
CA LYS A 758 -2.71 -16.14 16.60
C LYS A 758 -2.83 -14.66 16.97
N GLY A 759 -3.19 -13.84 15.98
CA GLY A 759 -3.36 -12.42 16.21
C GLY A 759 -2.19 -11.68 16.84
N LEU A 760 -0.99 -12.25 16.76
CA LEU A 760 0.20 -11.53 17.18
C LEU A 760 0.66 -10.66 16.02
N LEU A 761 0.96 -9.39 16.29
CA LEU A 761 1.24 -8.43 15.23
C LEU A 761 2.74 -8.17 15.04
N ILE A 762 3.08 -7.63 13.86
CA ILE A 762 4.43 -7.10 13.57
C ILE A 762 4.33 -6.06 12.47
N ARG A 763 5.21 -5.07 12.52
CA ARG A 763 5.43 -4.13 11.43
C ARG A 763 6.45 -4.74 10.46
N VAL A 764 6.04 -4.91 9.20
CA VAL A 764 6.91 -5.45 8.16
C VAL A 764 7.60 -4.30 7.44
N ALA A 765 6.87 -3.56 6.58
CA ALA A 765 7.38 -2.28 6.10
C ALA A 765 6.22 -1.50 5.47
N GLY A 766 5.71 -0.50 6.17
CA GLY A 766 4.53 0.21 5.74
C GLY A 766 3.24 -0.36 6.29
N TYR A 767 3.19 -1.67 6.51
CA TYR A 767 1.98 -2.32 6.99
C TYR A 767 2.23 -3.28 8.15
N THR A 768 1.22 -4.06 8.46
CA THR A 768 1.22 -4.92 9.62
C THR A 768 0.58 -6.25 9.25
N ALA A 769 1.26 -7.33 9.60
CA ALA A 769 0.82 -8.66 9.26
C ALA A 769 0.69 -9.47 10.55
N TYR A 770 0.18 -10.69 10.42
CA TYR A 770 0.21 -11.65 11.52
C TYR A 770 1.47 -12.50 11.40
N PHE A 771 2.30 -12.49 12.45
CA PHE A 771 3.64 -13.07 12.33
C PHE A 771 3.58 -14.49 11.77
N VAL A 772 2.65 -15.29 12.30
CA VAL A 772 2.52 -16.69 11.92
C VAL A 772 2.20 -16.86 10.43
N GLU A 773 1.46 -15.92 9.85
CA GLU A 773 0.98 -16.00 8.47
C GLU A 773 2.01 -15.52 7.43
N LEU A 774 3.23 -15.20 7.83
CA LEU A 774 4.25 -14.78 6.88
C LEU A 774 5.20 -15.93 6.60
N GLY A 775 5.79 -15.93 5.39
CA GLY A 775 6.78 -16.92 5.05
C GLY A 775 8.08 -16.71 5.80
N LYS A 776 8.79 -17.83 6.02
CA LYS A 776 9.85 -17.86 7.03
C LYS A 776 10.99 -16.91 6.69
N GLU A 777 11.39 -16.87 5.41
CA GLU A 777 12.37 -15.90 4.97
C GLU A 777 12.08 -14.56 5.64
N VAL A 778 10.96 -13.91 5.28
CA VAL A 778 10.70 -12.58 5.81
C VAL A 778 10.70 -12.57 7.33
N GLN A 779 10.23 -13.66 7.96
CA GLN A 779 10.27 -13.75 9.42
C GLN A 779 11.71 -13.56 9.96
N ASP A 780 12.69 -14.22 9.35
CA ASP A 780 14.08 -14.01 9.76
C ASP A 780 14.47 -12.55 9.60
N ASP A 781 14.27 -12.01 8.39
CA ASP A 781 14.58 -10.62 8.09
C ASP A 781 14.11 -9.72 9.22
N ILE A 782 12.85 -9.85 9.59
CA ILE A 782 12.30 -9.02 10.65
C ILE A 782 12.98 -9.34 11.98
N ILE A 783 13.35 -10.60 12.19
CA ILE A 783 14.02 -10.99 13.42
C ILE A 783 15.37 -10.28 13.54
N ALA A 784 16.18 -10.35 12.49
CA ALA A 784 17.57 -9.92 12.59
C ALA A 784 17.71 -8.42 12.81
N ARG A 785 16.64 -7.65 12.71
CA ARG A 785 16.75 -6.22 12.91
C ARG A 785 17.18 -5.91 14.33
N THR A 786 18.00 -4.87 14.48
CA THR A 786 18.46 -4.47 15.79
C THR A 786 17.39 -3.60 16.44
C10 6IW B . 1.60 -3.22 -2.92
C05 6IW B . 2.14 -1.99 -2.22
C06 6IW B . 0.99 -1.04 -2.16
C07 6IW B . 1.69 -0.02 -1.37
C08 6IW B . 2.71 0.17 -2.09
C09 6IW B . 4.16 -1.53 -2.80
N04 6IW B . 2.81 -1.18 -2.93
O01 6IW B . 0.73 0.94 -1.64
O02 6IW B . 2.12 -4.31 -2.88
O03 6IW B . 0.59 -3.25 -3.54
H051 6IW B . 2.54 -2.16 -1.35
H061 6IW B . 0.24 -1.42 -1.66
H062 6IW B . 0.73 -0.72 -3.03
H071 6IW B . 1.85 -0.25 -0.44
H082 6IW B . 3.50 0.29 -1.54
H081 6IW B . 2.56 0.92 -2.68
H093 6IW B . 4.29 -2.01 -1.96
H091 6IW B . 4.71 -0.74 -2.83
H092 6IW B . 4.41 -2.12 -3.53
H011 6IW B . 0.49 1.31 -0.91
#